data_6CJF
#
_entry.id   6CJF
#
_cell.length_a   50.752
_cell.length_b   51.527
_cell.length_c   65.088
_cell.angle_alpha   89.15
_cell.angle_beta   81.61
_cell.angle_gamma   76.44
#
_symmetry.space_group_name_H-M   'P 1'
#
loop_
_entity.id
_entity.type
_entity.pdbx_description
1 polymer 'Dihydroorotate dehydrogenase (quinone), mitochondrial'
2 non-polymer 'FLAVIN MONONUCLEOTIDE'
3 non-polymer 'OROTIC ACID'
4 non-polymer '2-[4-(2-chloro-6-methylpyridin-3-yl)phenyl]-6-fluoro-3-methylquinoline-4-carboxylic acid'
5 non-polymer 3-[decyl(dimethyl)ammonio]propane-1-sulfonate
6 water water
#
_entity_poly.entity_id   1
_entity_poly.type   'polypeptide(L)'
_entity_poly.pdbx_seq_one_letter_code
;GDERFYAEHLMPTLQGLLDPESAHRLAVRFTSLGLLPRARFQDSDMLEVRVLGHKFRNPVGIAAGFDKHGEAVDGLYKMG
FGFVEIGSVTPKPQEGNPRPRVFRLPEDQAVINRYGFNSHGLSVVEHRLRARQQKQAKLTEDGLPLGVNLGKNKTSVDAA
EDYAEGVRVLGPLADYLVVNVSSPNTAGLRSLQGKAELRRLLTKVLQERDGLRRVHRPAVLVKIAPDLTSQDKEDIASVV
KELGIDGLIVTNTTVSRPAGLQGALRSETGGLSGKPLRDLSTQTIREMYALTQGRVPIIGVGGVSSGQDALEKIRAGASL
VQLYTALTFWGPPVVGKVKRELEALLKEQGFGGVTDAIGADHRRLEAGHHHHHH
;
_entity_poly.pdbx_strand_id   A,B
#
loop_
_chem_comp.id
_chem_comp.type
_chem_comp.name
_chem_comp.formula
F54 non-polymer '2-[4-(2-chloro-6-methylpyridin-3-yl)phenyl]-6-fluoro-3-methylquinoline-4-carboxylic acid' 'C23 H16 Cl F N2 O2'
FMN non-polymer 'FLAVIN MONONUCLEOTIDE' 'C17 H21 N4 O9 P'
ORO non-polymer 'OROTIC ACID' 'C5 H4 N2 O4'
ZWI non-polymer 3-[decyl(dimethyl)ammonio]propane-1-sulfonate 'C15 H33 N O3 S'
#
# COMPACT_ATOMS: atom_id res chain seq x y z
N GLY A 1 9.53 -16.86 12.55
CA GLY A 1 10.59 -16.56 13.48
C GLY A 1 11.88 -16.08 12.81
N ASP A 2 12.02 -16.39 11.52
CA ASP A 2 13.22 -16.05 10.75
C ASP A 2 13.03 -14.84 9.84
N GLU A 3 11.96 -14.06 10.04
CA GLU A 3 11.65 -12.96 9.13
C GLU A 3 12.84 -12.01 8.96
N ARG A 4 13.34 -11.47 10.07
CA ARG A 4 14.38 -10.44 9.99
C ARG A 4 15.67 -10.98 9.40
N PHE A 5 16.04 -12.23 9.72
CA PHE A 5 17.25 -12.81 9.15
C PHE A 5 17.18 -12.86 7.62
N TYR A 6 16.06 -13.36 7.08
CA TYR A 6 15.91 -13.42 5.63
C TYR A 6 15.82 -12.02 5.04
N ALA A 7 15.05 -11.14 5.68
CA ALA A 7 14.80 -9.82 5.12
C ALA A 7 16.06 -8.97 5.09
N GLU A 8 16.86 -9.01 6.15
CA GLU A 8 18.00 -8.09 6.25
C GLU A 8 19.34 -8.71 5.89
N HIS A 9 19.44 -10.04 5.81
CA HIS A 9 20.75 -10.66 5.60
C HIS A 9 20.76 -11.65 4.45
N LEU A 10 19.95 -12.70 4.52
CA LEU A 10 20.07 -13.78 3.55
C LEU A 10 19.60 -13.34 2.17
N MET A 11 18.39 -12.76 2.06
CA MET A 11 17.91 -12.40 0.73
C MET A 11 18.79 -11.31 0.12
N PRO A 12 19.16 -10.24 0.83
CA PRO A 12 20.07 -9.26 0.22
C PRO A 12 21.41 -9.86 -0.20
N THR A 13 21.93 -10.82 0.58
CA THR A 13 23.20 -11.43 0.19
C THR A 13 23.05 -12.21 -1.11
N LEU A 14 21.97 -12.98 -1.25
CA LEU A 14 21.75 -13.73 -2.47
C LEU A 14 21.55 -12.79 -3.66
N GLN A 15 20.83 -11.67 -3.44
CA GLN A 15 20.61 -10.74 -4.53
C GLN A 15 21.90 -10.06 -4.96
N GLY A 16 22.82 -9.82 -4.02
CA GLY A 16 24.10 -9.27 -4.39
C GLY A 16 25.00 -10.26 -5.09
N LEU A 17 24.79 -11.56 -4.84
CA LEU A 17 25.67 -12.60 -5.37
C LEU A 17 25.31 -12.98 -6.79
N LEU A 18 24.01 -12.96 -7.13
CA LEU A 18 23.52 -13.56 -8.36
C LEU A 18 22.64 -12.58 -9.12
N ASP A 19 22.72 -12.63 -10.44
CA ASP A 19 21.74 -11.94 -11.26
C ASP A 19 20.38 -12.61 -11.04
N PRO A 20 19.28 -11.88 -11.25
CA PRO A 20 17.97 -12.42 -10.84
C PRO A 20 17.56 -13.71 -11.54
N GLU A 21 17.87 -13.90 -12.83
CA GLU A 21 17.51 -15.18 -13.45
C GLU A 21 18.29 -16.35 -12.82
N SER A 22 19.58 -16.15 -12.54
CA SER A 22 20.34 -17.20 -11.86
C SER A 22 19.76 -17.51 -10.48
N ALA A 23 19.40 -16.46 -9.73
CA ALA A 23 18.80 -16.69 -8.42
C ALA A 23 17.47 -17.40 -8.55
N HIS A 24 16.67 -17.05 -9.57
CA HIS A 24 15.42 -17.75 -9.83
C HIS A 24 15.66 -19.24 -10.04
N ARG A 25 16.63 -19.59 -10.88
CA ARG A 25 16.91 -20.99 -11.15
C ARG A 25 17.34 -21.72 -9.90
N LEU A 26 18.23 -21.09 -9.10
CA LEU A 26 18.64 -21.69 -7.84
CA LEU A 26 18.63 -21.70 -7.84
C LEU A 26 17.44 -21.88 -6.91
N ALA A 27 16.56 -20.88 -6.84
CA ALA A 27 15.42 -20.97 -5.93
C ALA A 27 14.52 -22.14 -6.28
N VAL A 28 14.24 -22.34 -7.57
CA VAL A 28 13.41 -23.46 -7.99
C VAL A 28 14.05 -24.78 -7.60
N ARG A 29 15.34 -24.94 -7.90
CA ARG A 29 16.01 -26.20 -7.61
C ARG A 29 16.04 -26.47 -6.11
N PHE A 30 16.33 -25.45 -5.31
CA PHE A 30 16.37 -25.62 -3.87
C PHE A 30 15.00 -26.00 -3.33
N THR A 31 13.96 -25.34 -3.83
CA THR A 31 12.60 -25.64 -3.39
C THR A 31 12.20 -27.06 -3.79
N SER A 32 12.64 -27.50 -4.98
CA SER A 32 12.28 -28.84 -5.45
C SER A 32 12.85 -29.93 -4.54
N LEU A 33 13.93 -29.65 -3.82
CA LEU A 33 14.47 -30.62 -2.88
C LEU A 33 13.67 -30.69 -1.58
N GLY A 34 12.95 -29.62 -1.24
CA GLY A 34 12.10 -29.61 -0.05
C GLY A 34 12.66 -28.76 1.07
N LEU A 35 12.90 -29.39 2.23
CA LEU A 35 13.56 -28.82 3.41
C LEU A 35 12.69 -27.83 4.20
N LEU A 36 11.85 -28.39 5.08
CA LEU A 36 11.21 -27.70 6.20
C LEU A 36 9.79 -27.23 5.91
N GLN A 42 -0.28 -24.90 11.70
CA GLN A 42 -1.49 -25.36 11.03
C GLN A 42 -2.39 -24.18 10.63
N ASP A 43 -2.98 -24.27 9.44
CA ASP A 43 -3.85 -23.21 8.94
C ASP A 43 -5.15 -23.16 9.76
N SER A 44 -5.55 -21.95 10.14
CA SER A 44 -6.81 -21.74 10.84
C SER A 44 -8.00 -22.07 9.94
N ASP A 45 -9.06 -22.62 10.53
CA ASP A 45 -10.29 -22.84 9.79
C ASP A 45 -10.81 -21.54 9.18
N MET A 46 -10.51 -20.39 9.80
CA MET A 46 -10.94 -19.11 9.27
C MET A 46 -10.41 -18.85 7.87
N LEU A 47 -9.31 -19.49 7.48
CA LEU A 47 -8.69 -19.18 6.21
C LEU A 47 -9.19 -20.06 5.07
N GLU A 48 -10.06 -21.03 5.36
CA GLU A 48 -10.56 -21.91 4.31
C GLU A 48 -11.54 -21.19 3.40
N VAL A 49 -11.42 -21.41 2.10
CA VAL A 49 -12.32 -20.86 1.10
C VAL A 49 -12.76 -22.00 0.19
N ARG A 50 -14.07 -22.12 -0.04
CA ARG A 50 -14.57 -23.04 -1.05
C ARG A 50 -14.98 -22.22 -2.26
N VAL A 51 -14.29 -22.43 -3.39
CA VAL A 51 -14.49 -21.64 -4.59
C VAL A 51 -13.91 -22.43 -5.76
N LEU A 52 -14.36 -22.10 -6.98
CA LEU A 52 -13.84 -22.76 -8.19
C LEU A 52 -14.05 -24.27 -8.13
N GLY A 53 -15.08 -24.71 -7.41
CA GLY A 53 -15.36 -26.12 -7.25
C GLY A 53 -14.40 -26.89 -6.38
N HIS A 54 -13.59 -26.22 -5.56
CA HIS A 54 -12.58 -26.89 -4.77
C HIS A 54 -12.47 -26.26 -3.38
N LYS A 55 -11.85 -26.98 -2.47
CA LYS A 55 -11.54 -26.45 -1.15
C LYS A 55 -10.12 -25.91 -1.16
N PHE A 56 -9.94 -24.72 -0.60
CA PHE A 56 -8.62 -24.12 -0.43
C PHE A 56 -8.36 -23.98 1.06
N ARG A 57 -7.34 -24.69 1.55
CA ARG A 57 -7.05 -24.71 2.98
C ARG A 57 -6.67 -23.32 3.48
N ASN A 58 -5.96 -22.56 2.66
CA ASN A 58 -5.72 -21.16 2.92
C ASN A 58 -5.72 -20.45 1.60
N PRO A 59 -5.91 -19.12 1.60
CA PRO A 59 -6.15 -18.39 0.35
C PRO A 59 -4.91 -17.78 -0.29
N VAL A 60 -3.71 -18.19 0.13
CA VAL A 60 -2.47 -17.58 -0.33
C VAL A 60 -1.75 -18.53 -1.27
N GLY A 61 -1.80 -18.24 -2.57
CA GLY A 61 -1.15 -19.10 -3.54
C GLY A 61 0.14 -18.51 -4.08
N ILE A 62 0.96 -19.33 -4.72
CA ILE A 62 2.11 -18.84 -5.47
C ILE A 62 1.68 -18.64 -6.92
N ALA A 63 1.90 -17.43 -7.43
CA ALA A 63 1.46 -17.05 -8.77
C ALA A 63 2.30 -17.75 -9.85
N ALA A 64 1.76 -17.76 -11.06
CA ALA A 64 2.48 -18.35 -12.18
C ALA A 64 3.79 -17.61 -12.44
N GLY A 65 4.75 -18.34 -13.01
CA GLY A 65 6.02 -17.76 -13.40
C GLY A 65 7.15 -18.08 -12.46
N PHE A 66 6.88 -18.60 -11.27
CA PHE A 66 7.98 -19.02 -10.41
C PHE A 66 8.41 -20.45 -10.74
N ASP A 67 7.46 -21.38 -10.68
CA ASP A 67 7.68 -22.75 -11.12
C ASP A 67 7.05 -22.89 -12.52
N LYS A 68 7.77 -22.37 -13.52
CA LYS A 68 7.23 -22.39 -14.88
C LYS A 68 7.07 -23.81 -15.42
N HIS A 69 7.91 -24.75 -14.98
CA HIS A 69 7.98 -26.07 -15.62
C HIS A 69 7.56 -27.21 -14.70
N GLY A 70 6.89 -26.92 -13.57
CA GLY A 70 6.39 -27.98 -12.72
C GLY A 70 7.45 -28.79 -12.00
N GLU A 71 8.55 -28.15 -11.58
CA GLU A 71 9.67 -28.82 -10.97
C GLU A 71 9.67 -28.78 -9.45
N ALA A 72 8.84 -27.93 -8.83
CA ALA A 72 8.99 -27.65 -7.41
C ALA A 72 7.66 -27.61 -6.67
N VAL A 73 6.64 -28.31 -7.20
CA VAL A 73 5.29 -28.21 -6.65
C VAL A 73 5.25 -28.63 -5.18
N ASP A 74 5.83 -29.80 -4.87
CA ASP A 74 5.73 -30.31 -3.51
C ASP A 74 6.45 -29.39 -2.53
N GLY A 75 7.60 -28.85 -2.92
CA GLY A 75 8.29 -27.91 -2.04
C GLY A 75 7.51 -26.64 -1.81
N LEU A 76 6.75 -26.20 -2.82
CA LEU A 76 5.95 -25.00 -2.64
C LEU A 76 4.81 -25.24 -1.65
N TYR A 77 4.16 -26.40 -1.71
CA TYR A 77 3.19 -26.71 -0.65
C TYR A 77 3.86 -26.79 0.71
N LYS A 78 5.06 -27.36 0.78
CA LYS A 78 5.76 -27.41 2.06
C LYS A 78 6.03 -26.02 2.61
N MET A 79 6.21 -25.03 1.72
CA MET A 79 6.45 -23.66 2.14
C MET A 79 5.22 -23.01 2.76
N GLY A 80 4.03 -23.61 2.58
CA GLY A 80 2.81 -23.13 3.19
C GLY A 80 1.76 -22.57 2.24
N PHE A 81 2.02 -22.56 0.93
CA PHE A 81 1.01 -22.03 0.01
C PHE A 81 -0.25 -22.90 0.02
N GLY A 82 -1.42 -22.25 0.04
CA GLY A 82 -2.67 -22.99 -0.02
C GLY A 82 -2.98 -23.55 -1.40
N PHE A 83 -2.36 -23.02 -2.44
CA PHE A 83 -2.48 -23.55 -3.80
C PHE A 83 -1.24 -23.14 -4.58
N VAL A 84 -0.96 -23.89 -5.64
CA VAL A 84 0.23 -23.68 -6.47
C VAL A 84 -0.21 -23.56 -7.91
N GLU A 85 0.23 -22.52 -8.61
CA GLU A 85 0.02 -22.39 -10.04
C GLU A 85 1.36 -22.53 -10.76
N ILE A 86 1.48 -23.55 -11.62
CA ILE A 86 2.67 -23.71 -12.43
C ILE A 86 2.44 -23.09 -13.81
N GLY A 87 3.52 -22.89 -14.56
CA GLY A 87 3.45 -22.29 -15.88
C GLY A 87 3.96 -20.86 -15.87
N SER A 88 3.79 -20.17 -17.01
CA SER A 88 3.05 -20.66 -18.19
C SER A 88 3.77 -21.77 -18.92
N VAL A 89 3.01 -22.75 -19.43
CA VAL A 89 3.55 -23.88 -20.20
C VAL A 89 3.09 -23.73 -21.65
N THR A 90 4.03 -23.81 -22.62
CA THR A 90 3.68 -23.74 -24.03
C THR A 90 3.64 -25.15 -24.62
N PRO A 91 2.91 -25.37 -25.72
CA PRO A 91 2.82 -26.74 -26.26
C PRO A 91 4.18 -27.34 -26.60
N LYS A 92 4.95 -26.66 -27.45
CA LYS A 92 6.30 -27.07 -27.77
C LYS A 92 7.30 -26.33 -26.88
N PRO A 93 8.45 -26.95 -26.58
CA PRO A 93 9.49 -26.22 -25.84
C PRO A 93 9.90 -24.97 -26.60
N GLN A 94 10.19 -23.91 -25.84
CA GLN A 94 10.74 -22.74 -26.49
C GLN A 94 11.64 -21.97 -25.53
N GLU A 95 12.61 -21.24 -26.10
CA GLU A 95 13.68 -20.64 -25.31
C GLU A 95 13.24 -19.38 -24.56
N GLY A 96 12.27 -18.65 -25.09
CA GLY A 96 11.95 -17.33 -24.57
C GLY A 96 12.80 -16.24 -25.18
N ASN A 97 12.74 -15.06 -24.57
CA ASN A 97 13.47 -13.90 -25.07
C ASN A 97 14.96 -13.99 -24.74
N PRO A 98 15.79 -13.20 -25.43
CA PRO A 98 17.23 -13.24 -25.13
C PRO A 98 17.52 -12.63 -23.77
N ARG A 99 18.61 -13.11 -23.16
CA ARG A 99 19.08 -12.57 -21.90
C ARG A 99 19.93 -11.33 -22.14
N PRO A 100 20.00 -10.41 -21.16
CA PRO A 100 19.29 -10.46 -19.88
C PRO A 100 17.82 -10.17 -20.04
N ARG A 101 16.98 -10.78 -19.19
CA ARG A 101 15.54 -10.62 -19.35
C ARG A 101 14.84 -10.52 -18.00
N VAL A 102 15.57 -10.42 -16.90
CA VAL A 102 14.99 -10.20 -15.59
C VAL A 102 15.82 -9.11 -14.91
N PHE A 103 15.14 -8.15 -14.27
CA PHE A 103 15.80 -6.98 -13.71
C PHE A 103 15.21 -6.66 -12.35
N ARG A 104 16.08 -6.47 -11.37
CA ARG A 104 15.67 -6.15 -10.01
C ARG A 104 15.63 -4.64 -9.78
N LEU A 105 14.56 -4.18 -9.11
CA LEU A 105 14.42 -2.79 -8.67
C LEU A 105 14.37 -2.81 -7.14
N PRO A 106 15.51 -2.92 -6.47
CA PRO A 106 15.47 -3.21 -5.03
C PRO A 106 14.87 -2.09 -4.21
N GLU A 107 15.13 -0.84 -4.57
CA GLU A 107 14.55 0.28 -3.84
C GLU A 107 13.03 0.29 -3.90
N ASP A 108 12.45 -0.25 -4.99
CA ASP A 108 11.01 -0.25 -5.18
C ASP A 108 10.34 -1.56 -4.75
N GLN A 109 11.12 -2.50 -4.23
CA GLN A 109 10.66 -3.85 -3.93
C GLN A 109 9.91 -4.42 -5.13
N ALA A 110 10.56 -4.35 -6.30
CA ALA A 110 9.93 -4.61 -7.58
C ALA A 110 10.90 -5.37 -8.48
N VAL A 111 10.32 -5.99 -9.52
CA VAL A 111 11.04 -6.72 -10.54
C VAL A 111 10.43 -6.33 -11.88
N ILE A 112 11.26 -6.31 -12.92
CA ILE A 112 10.79 -6.22 -14.31
C ILE A 112 11.28 -7.47 -15.03
N ASN A 113 10.38 -8.12 -15.77
CA ASN A 113 10.78 -9.30 -16.51
C ASN A 113 10.24 -9.25 -17.93
N ARG A 114 11.00 -9.86 -18.84
CA ARG A 114 10.57 -10.13 -20.20
C ARG A 114 11.05 -11.52 -20.59
N TYR A 115 10.71 -12.51 -19.77
CA TYR A 115 11.13 -13.89 -20.04
C TYR A 115 10.70 -14.35 -21.43
N GLY A 116 9.50 -13.97 -21.85
CA GLY A 116 9.01 -14.40 -23.15
C GLY A 116 8.53 -15.84 -23.20
N PHE A 117 7.97 -16.35 -22.11
CA PHE A 117 7.39 -17.69 -22.08
C PHE A 117 8.42 -18.78 -22.41
N ASN A 118 9.57 -18.71 -21.77
CA ASN A 118 10.48 -19.85 -21.77
C ASN A 118 9.78 -21.06 -21.16
N SER A 119 9.81 -22.19 -21.85
CA SER A 119 9.02 -23.32 -21.38
C SER A 119 9.64 -24.62 -21.83
N HIS A 120 9.66 -25.60 -20.92
CA HIS A 120 10.07 -26.96 -21.27
C HIS A 120 9.05 -27.66 -22.15
N GLY A 121 7.84 -27.11 -22.32
CA GLY A 121 6.83 -27.70 -23.17
C GLY A 121 5.90 -28.65 -22.44
N LEU A 122 4.74 -28.90 -23.05
CA LEU A 122 3.68 -29.67 -22.38
C LEU A 122 4.12 -31.08 -22.02
N SER A 123 4.86 -31.77 -22.90
CA SER A 123 5.17 -33.16 -22.67
C SER A 123 6.07 -33.33 -21.44
N VAL A 124 7.14 -32.54 -21.36
CA VAL A 124 8.04 -32.62 -20.20
C VAL A 124 7.29 -32.31 -18.91
N VAL A 125 6.49 -31.24 -18.92
CA VAL A 125 5.72 -30.89 -17.73
C VAL A 125 4.70 -31.99 -17.40
N GLU A 126 4.02 -32.53 -18.40
CA GLU A 126 3.06 -33.61 -18.13
C GLU A 126 3.75 -34.78 -17.44
N HIS A 127 4.93 -35.15 -17.93
CA HIS A 127 5.63 -36.29 -17.35
C HIS A 127 5.99 -36.02 -15.89
N ARG A 128 6.37 -34.78 -15.57
CA ARG A 128 6.66 -34.43 -14.18
C ARG A 128 5.42 -34.52 -13.31
N LEU A 129 4.28 -34.01 -13.80
CA LEU A 129 3.07 -34.09 -13.00
C LEU A 129 2.54 -35.51 -12.90
N ARG A 130 2.72 -36.32 -13.95
CA ARG A 130 2.26 -37.71 -13.87
C ARG A 130 3.03 -38.47 -12.79
N ALA A 131 4.31 -38.15 -12.61
CA ALA A 131 5.13 -38.84 -11.63
C ALA A 131 4.64 -38.63 -10.21
N ARG A 132 3.89 -37.56 -9.96
CA ARG A 132 3.43 -37.24 -8.61
C ARG A 132 1.91 -37.16 -8.55
N GLN A 133 1.21 -37.81 -9.48
CA GLN A 133 -0.24 -37.61 -9.60
C GLN A 133 -0.99 -38.15 -8.40
N GLN A 134 -0.55 -39.27 -7.83
CA GLN A 134 -1.20 -39.75 -6.62
C GLN A 134 -1.00 -38.79 -5.46
N LYS A 135 0.22 -38.27 -5.30
CA LYS A 135 0.47 -37.29 -4.25
C LYS A 135 -0.43 -36.07 -4.41
N GLN A 136 -0.58 -35.57 -5.64
CA GLN A 136 -1.45 -34.40 -5.86
C GLN A 136 -2.89 -34.73 -5.55
N ALA A 137 -3.34 -35.95 -5.83
CA ALA A 137 -4.72 -36.30 -5.49
C ALA A 137 -4.94 -36.16 -3.99
N LYS A 138 -3.98 -36.62 -3.19
CA LYS A 138 -4.06 -36.46 -1.74
C LYS A 138 -4.07 -34.98 -1.35
N LEU A 139 -3.15 -34.20 -1.92
CA LEU A 139 -3.05 -32.78 -1.58
C LEU A 139 -4.33 -32.04 -1.94
N THR A 140 -4.85 -32.26 -3.15
CA THR A 140 -6.09 -31.60 -3.55
C THR A 140 -7.22 -31.93 -2.59
N GLU A 141 -7.38 -33.20 -2.26
CA GLU A 141 -8.49 -33.58 -1.38
C GLU A 141 -8.28 -33.07 0.04
N ASP A 142 -7.06 -32.72 0.40
CA ASP A 142 -6.76 -32.08 1.68
C ASP A 142 -6.83 -30.56 1.60
N GLY A 143 -7.32 -30.00 0.49
CA GLY A 143 -7.49 -28.57 0.37
C GLY A 143 -6.32 -27.82 -0.21
N LEU A 144 -5.48 -28.48 -1.02
CA LEU A 144 -4.28 -27.86 -1.57
C LEU A 144 -4.27 -28.05 -3.09
N PRO A 145 -5.07 -27.27 -3.81
CA PRO A 145 -5.25 -27.49 -5.25
C PRO A 145 -4.04 -27.05 -6.08
N LEU A 146 -4.00 -27.58 -7.31
CA LEU A 146 -2.96 -27.28 -8.29
C LEU A 146 -3.57 -26.59 -9.51
N GLY A 147 -3.02 -25.43 -9.87
CA GLY A 147 -3.41 -24.73 -11.09
C GLY A 147 -2.31 -24.81 -12.13
N VAL A 148 -2.70 -24.74 -13.41
CA VAL A 148 -1.78 -24.80 -14.53
C VAL A 148 -2.09 -23.64 -15.47
N ASN A 149 -1.10 -22.79 -15.69
CA ASN A 149 -1.25 -21.65 -16.60
C ASN A 149 -0.75 -22.07 -17.97
N LEU A 150 -1.64 -21.97 -18.96
CA LEU A 150 -1.38 -22.48 -20.31
C LEU A 150 -0.99 -21.32 -21.23
N GLY A 151 0.17 -21.43 -21.87
CA GLY A 151 0.59 -20.46 -22.85
C GLY A 151 0.51 -20.96 -24.29
N LYS A 152 0.93 -20.09 -25.21
CA LYS A 152 1.00 -20.43 -26.63
C LYS A 152 2.42 -20.19 -27.14
N ASN A 153 2.79 -20.95 -28.16
CA ASN A 153 4.12 -20.78 -28.73
C ASN A 153 4.19 -19.49 -29.54
N LYS A 154 5.37 -18.89 -29.51
CA LYS A 154 5.57 -17.62 -30.22
C LYS A 154 5.19 -17.72 -31.69
N THR A 155 5.53 -18.84 -32.34
CA THR A 155 5.33 -19.00 -33.77
C THR A 155 3.96 -19.57 -34.13
N SER A 156 3.09 -19.78 -33.15
CA SER A 156 1.79 -20.35 -33.44
C SER A 156 0.92 -19.35 -34.18
N VAL A 157 0.28 -19.80 -35.27
CA VAL A 157 -0.70 -18.97 -35.97
C VAL A 157 -2.11 -19.27 -35.52
N ASP A 158 -2.31 -20.30 -34.69
CA ASP A 158 -3.64 -20.72 -34.22
C ASP A 158 -3.58 -20.76 -32.70
N ALA A 159 -3.77 -19.61 -32.06
CA ALA A 159 -3.64 -19.51 -30.60
C ALA A 159 -4.62 -20.45 -29.89
N ALA A 160 -5.87 -20.49 -30.33
CA ALA A 160 -6.86 -21.34 -29.68
C ALA A 160 -6.42 -22.81 -29.71
N GLU A 161 -5.76 -23.22 -30.80
CA GLU A 161 -5.29 -24.61 -30.87
C GLU A 161 -4.21 -24.87 -29.82
N ASP A 162 -3.33 -23.90 -29.57
CA ASP A 162 -2.31 -24.09 -28.54
C ASP A 162 -2.93 -24.25 -27.16
N TYR A 163 -3.90 -23.39 -26.83
CA TYR A 163 -4.55 -23.51 -25.52
C TYR A 163 -5.34 -24.80 -25.43
N ALA A 164 -6.03 -25.20 -26.50
CA ALA A 164 -6.77 -26.46 -26.46
C ALA A 164 -5.83 -27.65 -26.22
N GLU A 165 -4.65 -27.62 -26.83
CA GLU A 165 -3.72 -28.72 -26.60
C GLU A 165 -3.27 -28.78 -25.15
N GLY A 166 -3.08 -27.60 -24.53
CA GLY A 166 -2.76 -27.60 -23.11
C GLY A 166 -3.86 -28.21 -22.26
N VAL A 167 -5.12 -27.96 -22.63
CA VAL A 167 -6.24 -28.55 -21.91
C VAL A 167 -6.20 -30.07 -22.04
N ARG A 168 -5.95 -30.56 -23.25
CA ARG A 168 -5.91 -32.00 -23.49
C ARG A 168 -4.77 -32.67 -22.70
N VAL A 169 -3.61 -32.02 -22.63
CA VAL A 169 -2.44 -32.70 -22.06
C VAL A 169 -2.42 -32.56 -20.54
N LEU A 170 -2.71 -31.35 -20.02
CA LEU A 170 -2.55 -31.09 -18.60
C LEU A 170 -3.87 -30.95 -17.86
N GLY A 171 -5.00 -30.82 -18.57
CA GLY A 171 -6.29 -30.82 -17.94
C GLY A 171 -6.54 -31.99 -17.01
N PRO A 172 -6.17 -33.21 -17.38
CA PRO A 172 -6.40 -34.35 -16.49
C PRO A 172 -5.66 -34.26 -15.18
N LEU A 173 -4.67 -33.38 -15.06
CA LEU A 173 -3.82 -33.28 -13.87
C LEU A 173 -4.07 -32.04 -13.05
N ALA A 174 -4.91 -31.13 -13.53
CA ALA A 174 -5.05 -29.81 -12.93
C ALA A 174 -6.39 -29.68 -12.22
N ASP A 175 -6.40 -28.88 -11.15
CA ASP A 175 -7.64 -28.48 -10.52
C ASP A 175 -8.21 -27.22 -11.16
N TYR A 176 -7.36 -26.35 -11.69
CA TYR A 176 -7.83 -25.28 -12.54
C TYR A 176 -6.79 -25.00 -13.62
N LEU A 177 -7.27 -24.44 -14.73
CA LEU A 177 -6.46 -24.02 -15.87
C LEU A 177 -6.63 -22.52 -16.08
N VAL A 178 -5.56 -21.85 -16.52
CA VAL A 178 -5.57 -20.40 -16.73
C VAL A 178 -5.14 -20.08 -18.16
N VAL A 179 -5.87 -19.19 -18.82
CA VAL A 179 -5.48 -18.60 -20.11
C VAL A 179 -5.26 -17.09 -19.89
N ASN A 180 -4.06 -16.60 -20.22
CA ASN A 180 -3.79 -15.16 -20.15
C ASN A 180 -4.37 -14.44 -21.36
N VAL A 181 -5.01 -13.30 -21.11
CA VAL A 181 -5.56 -12.48 -22.18
C VAL A 181 -5.00 -11.06 -22.03
N GLY A 194 -10.44 -8.86 -31.29
CA GLY A 194 -11.46 -8.16 -30.55
C GLY A 194 -12.29 -9.07 -29.67
N LYS A 195 -13.49 -8.60 -29.32
CA LYS A 195 -14.37 -9.34 -28.42
C LYS A 195 -14.81 -10.66 -29.04
N ALA A 196 -15.16 -10.66 -30.33
CA ALA A 196 -15.55 -11.90 -30.98
C ALA A 196 -14.39 -12.88 -31.07
N GLU A 197 -13.17 -12.37 -31.23
CA GLU A 197 -12.00 -13.26 -31.24
C GLU A 197 -11.78 -13.89 -29.88
N LEU A 198 -11.90 -13.10 -28.80
CA LEU A 198 -11.80 -13.66 -27.46
C LEU A 198 -12.87 -14.71 -27.22
N ARG A 199 -14.09 -14.45 -27.71
CA ARG A 199 -15.18 -15.41 -27.52
C ARG A 199 -14.87 -16.73 -28.21
N ARG A 200 -14.41 -16.67 -29.46
CA ARG A 200 -14.10 -17.91 -30.18
C ARG A 200 -13.02 -18.71 -29.48
N LEU A 201 -11.96 -18.03 -29.02
CA LEU A 201 -10.85 -18.72 -28.37
C LEU A 201 -11.30 -19.38 -27.06
N LEU A 202 -12.00 -18.63 -26.20
CA LEU A 202 -12.43 -19.18 -24.93
C LEU A 202 -13.49 -20.27 -25.11
N THR A 203 -14.33 -20.16 -26.14
CA THR A 203 -15.29 -21.24 -26.42
C THR A 203 -14.56 -22.54 -26.72
N LYS A 204 -13.47 -22.47 -27.48
CA LYS A 204 -12.72 -23.68 -27.79
C LYS A 204 -12.10 -24.30 -26.55
N VAL A 205 -11.51 -23.46 -25.68
CA VAL A 205 -10.91 -23.95 -24.44
C VAL A 205 -11.96 -24.64 -23.57
N LEU A 206 -13.14 -24.01 -23.43
CA LEU A 206 -14.18 -24.58 -22.58
C LEU A 206 -14.72 -25.89 -23.15
N GLN A 207 -14.84 -25.97 -24.48
CA GLN A 207 -15.31 -27.21 -25.09
C GLN A 207 -14.32 -28.34 -24.85
N GLU A 208 -13.02 -28.04 -24.96
CA GLU A 208 -12.00 -29.03 -24.68
C GLU A 208 -12.05 -29.45 -23.21
N ARG A 209 -12.26 -28.49 -22.30
CA ARG A 209 -12.38 -28.82 -20.88
C ARG A 209 -13.59 -29.72 -20.64
N ASP A 210 -14.72 -29.40 -21.27
CA ASP A 210 -15.92 -30.19 -21.05
C ASP A 210 -15.75 -31.61 -21.59
N GLY A 211 -14.88 -31.78 -22.58
CA GLY A 211 -14.62 -33.08 -23.20
C GLY A 211 -13.77 -34.02 -22.39
N LEU A 212 -13.14 -33.54 -21.32
CA LEU A 212 -12.33 -34.42 -20.48
C LEU A 212 -13.20 -35.43 -19.75
N ARG A 213 -12.69 -36.64 -19.60
CA ARG A 213 -13.39 -37.69 -18.86
C ARG A 213 -12.86 -37.74 -17.44
N ARG A 214 -13.30 -36.77 -16.62
CA ARG A 214 -12.97 -36.72 -15.21
C ARG A 214 -14.24 -36.54 -14.39
N VAL A 215 -14.22 -37.08 -13.17
CA VAL A 215 -15.22 -36.69 -12.20
C VAL A 215 -15.02 -35.23 -11.78
N HIS A 216 -13.78 -34.80 -11.61
CA HIS A 216 -13.45 -33.44 -11.18
C HIS A 216 -12.75 -32.70 -12.30
N ARG A 217 -13.52 -32.29 -13.32
CA ARG A 217 -12.94 -31.51 -14.41
C ARG A 217 -12.48 -30.16 -13.89
N PRO A 218 -11.38 -29.62 -14.41
CA PRO A 218 -10.82 -28.40 -13.83
C PRO A 218 -11.61 -27.17 -14.18
N ALA A 219 -11.59 -26.21 -13.26
CA ALA A 219 -12.08 -24.87 -13.53
C ALA A 219 -11.20 -24.22 -14.58
N VAL A 220 -11.77 -23.25 -15.31
CA VAL A 220 -11.06 -22.48 -16.32
C VAL A 220 -11.13 -21.01 -15.94
N LEU A 221 -9.97 -20.35 -15.85
CA LEU A 221 -9.88 -18.95 -15.46
C LEU A 221 -9.20 -18.15 -16.56
N VAL A 222 -9.54 -16.86 -16.64
CA VAL A 222 -8.89 -15.90 -17.51
C VAL A 222 -8.04 -14.97 -16.66
N LYS A 223 -6.78 -14.77 -17.05
CA LYS A 223 -5.88 -13.86 -16.35
C LYS A 223 -5.63 -12.62 -17.19
N ILE A 224 -5.83 -11.43 -16.59
CA ILE A 224 -5.73 -10.17 -17.31
C ILE A 224 -4.61 -9.33 -16.73
N ALA A 225 -4.02 -8.49 -17.58
CA ALA A 225 -3.10 -7.45 -17.14
C ALA A 225 -3.88 -6.23 -16.66
N PRO A 226 -3.23 -5.31 -15.96
CA PRO A 226 -3.92 -4.07 -15.58
C PRO A 226 -3.94 -3.05 -16.69
N ASP A 227 -3.29 -3.35 -17.80
CA ASP A 227 -3.15 -2.40 -18.91
C ASP A 227 -4.26 -2.67 -19.92
N LEU A 228 -5.46 -2.27 -19.53
CA LEU A 228 -6.64 -2.44 -20.37
C LEU A 228 -7.47 -1.18 -20.30
N THR A 229 -8.07 -0.81 -21.43
CA THR A 229 -9.02 0.28 -21.44
C THR A 229 -10.30 -0.13 -20.72
N SER A 230 -11.13 0.87 -20.39
CA SER A 230 -12.43 0.59 -19.79
C SER A 230 -13.27 -0.30 -20.72
N GLN A 231 -13.17 -0.09 -22.03
CA GLN A 231 -13.92 -0.93 -22.96
C GLN A 231 -13.39 -2.35 -22.96
N ASP A 232 -12.05 -2.52 -22.96
CA ASP A 232 -11.47 -3.85 -22.83
C ASP A 232 -12.05 -4.59 -21.62
N LYS A 233 -12.11 -3.91 -20.47
CA LYS A 233 -12.53 -4.58 -19.24
C LYS A 233 -14.01 -4.95 -19.29
N GLU A 234 -14.83 -4.08 -19.88
CA GLU A 234 -16.25 -4.41 -20.05
C GLU A 234 -16.42 -5.56 -21.03
N ASP A 235 -15.66 -5.56 -22.12
CA ASP A 235 -15.70 -6.67 -23.07
C ASP A 235 -15.30 -8.00 -22.42
N ILE A 236 -14.22 -8.01 -21.63
CA ILE A 236 -13.79 -9.24 -20.97
C ILE A 236 -14.86 -9.72 -19.98
N ALA A 237 -15.38 -8.80 -19.17
CA ALA A 237 -16.44 -9.18 -18.23
C ALA A 237 -17.64 -9.78 -18.96
N SER A 238 -18.04 -9.15 -20.07
CA SER A 238 -19.18 -9.64 -20.84
C SER A 238 -18.94 -11.05 -21.35
N VAL A 239 -17.77 -11.32 -21.92
CA VAL A 239 -17.53 -12.65 -22.49
C VAL A 239 -17.41 -13.69 -21.38
N VAL A 240 -16.74 -13.35 -20.28
CA VAL A 240 -16.57 -14.29 -19.18
C VAL A 240 -17.93 -14.74 -18.64
N LYS A 241 -18.86 -13.81 -18.49
CA LYS A 241 -20.19 -14.17 -17.99
C LYS A 241 -20.98 -14.93 -19.06
N GLU A 242 -20.91 -14.49 -20.32
CA GLU A 242 -21.65 -15.16 -21.38
C GLU A 242 -21.27 -16.63 -21.49
N LEU A 243 -19.96 -16.94 -21.44
CA LEU A 243 -19.46 -18.27 -21.73
C LEU A 243 -19.40 -19.17 -20.50
N GLY A 244 -19.49 -18.62 -19.29
CA GLY A 244 -19.37 -19.45 -18.10
C GLY A 244 -17.94 -19.71 -17.69
N ILE A 245 -17.03 -18.79 -17.98
CA ILE A 245 -15.68 -18.88 -17.43
C ILE A 245 -15.79 -18.93 -15.91
N ASP A 246 -14.93 -19.75 -15.28
CA ASP A 246 -15.10 -20.03 -13.86
C ASP A 246 -14.49 -18.98 -12.95
N GLY A 247 -13.52 -18.21 -13.42
CA GLY A 247 -12.93 -17.19 -12.56
C GLY A 247 -12.02 -16.27 -13.35
N LEU A 248 -11.55 -15.25 -12.66
CA LEU A 248 -10.60 -14.28 -13.20
C LEU A 248 -9.39 -14.22 -12.30
N ILE A 249 -8.21 -14.03 -12.90
CA ILE A 249 -6.99 -13.75 -12.14
C ILE A 249 -6.58 -12.33 -12.49
N VAL A 250 -6.47 -11.49 -11.47
CA VAL A 250 -6.35 -10.04 -11.61
C VAL A 250 -5.28 -9.59 -10.61
N THR A 251 -4.04 -9.29 -11.04
CA THR A 251 -3.60 -9.09 -12.43
C THR A 251 -2.23 -9.70 -12.72
N ASN A 252 -1.90 -9.74 -14.01
CA ASN A 252 -0.53 -9.95 -14.49
C ASN A 252 0.30 -8.70 -14.20
N THR A 253 1.53 -8.69 -14.71
CA THR A 253 2.44 -7.55 -14.56
C THR A 253 2.00 -6.38 -15.45
N THR A 254 2.57 -5.21 -15.20
CA THR A 254 2.20 -4.01 -15.94
C THR A 254 3.35 -3.50 -16.79
N VAL A 255 3.01 -3.04 -18.01
CA VAL A 255 4.00 -2.33 -18.82
C VAL A 255 4.10 -0.86 -18.43
N SER A 256 3.19 -0.38 -17.60
CA SER A 256 3.28 0.99 -17.10
C SER A 256 4.43 1.12 -16.09
N ARG A 257 4.82 2.36 -15.83
CA ARG A 257 5.87 2.66 -14.86
C ARG A 257 5.37 3.77 -13.95
N PRO A 258 4.81 3.40 -12.79
CA PRO A 258 4.23 4.42 -11.91
C PRO A 258 5.24 5.49 -11.53
N ALA A 259 4.71 6.68 -11.27
CA ALA A 259 5.56 7.79 -10.87
C ALA A 259 6.32 7.45 -9.61
N GLY A 260 7.57 7.88 -9.54
CA GLY A 260 8.33 7.75 -8.32
C GLY A 260 9.18 6.51 -8.19
N LEU A 261 9.15 5.60 -9.17
CA LEU A 261 10.09 4.49 -9.15
C LEU A 261 11.51 5.02 -8.99
N GLN A 262 12.29 4.35 -8.14
CA GLN A 262 13.65 4.80 -7.85
C GLN A 262 14.72 3.86 -8.40
N GLY A 263 14.36 2.65 -8.79
CA GLY A 263 15.36 1.68 -9.22
C GLY A 263 16.03 2.10 -10.52
N ALA A 264 17.33 1.83 -10.59
CA ALA A 264 18.11 2.27 -11.75
C ALA A 264 17.64 1.59 -13.04
N LEU A 265 17.05 0.41 -12.95
CA LEU A 265 16.69 -0.36 -14.13
C LEU A 265 15.22 -0.18 -14.51
N ARG A 266 14.57 0.87 -13.98
CA ARG A 266 13.14 1.06 -14.19
C ARG A 266 12.78 1.29 -15.66
N SER A 267 13.75 1.66 -16.51
CA SER A 267 13.47 1.89 -17.91
C SER A 267 13.49 0.63 -18.76
N GLU A 268 13.91 -0.51 -18.19
CA GLU A 268 13.91 -1.74 -18.97
C GLU A 268 12.50 -2.09 -19.44
N THR A 269 12.41 -2.60 -20.67
N THR A 269 12.39 -2.57 -20.67
CA THR A 269 11.13 -3.06 -21.19
CA THR A 269 11.07 -2.99 -21.15
C THR A 269 10.71 -4.35 -20.50
C THR A 269 10.70 -4.32 -20.51
N GLY A 270 9.39 -4.50 -20.31
CA GLY A 270 8.91 -5.71 -19.67
C GLY A 270 7.80 -5.45 -18.68
N GLY A 271 7.36 -6.51 -18.01
CA GLY A 271 6.30 -6.39 -17.02
C GLY A 271 6.86 -6.12 -15.64
N LEU A 272 6.29 -5.11 -14.98
CA LEU A 272 6.68 -4.71 -13.64
C LEU A 272 5.78 -5.42 -12.63
N SER A 273 6.40 -5.97 -11.59
CA SER A 273 5.70 -6.70 -10.53
C SER A 273 6.15 -6.15 -9.19
N GLY A 274 5.52 -6.62 -8.11
CA GLY A 274 5.94 -6.20 -6.78
C GLY A 274 5.16 -5.01 -6.27
N LYS A 275 5.75 -4.31 -5.29
CA LYS A 275 4.99 -3.31 -4.56
C LYS A 275 4.41 -2.23 -5.45
N PRO A 276 5.08 -1.76 -6.52
CA PRO A 276 4.49 -0.70 -7.35
C PRO A 276 3.21 -1.11 -8.06
N LEU A 277 2.93 -2.40 -8.16
CA LEU A 277 1.74 -2.89 -8.83
C LEU A 277 0.55 -2.97 -7.89
N ARG A 278 0.77 -2.78 -6.58
CA ARG A 278 -0.26 -3.01 -5.58
C ARG A 278 -1.55 -2.22 -5.88
N ASP A 279 -1.43 -0.91 -6.10
CA ASP A 279 -2.64 -0.09 -6.28
C ASP A 279 -3.36 -0.41 -7.58
N LEU A 280 -2.60 -0.51 -8.68
CA LEU A 280 -3.22 -0.78 -9.98
C LEU A 280 -3.97 -2.11 -9.95
N SER A 281 -3.37 -3.15 -9.36
CA SER A 281 -4.05 -4.44 -9.32
C SER A 281 -5.29 -4.38 -8.44
N THR A 282 -5.22 -3.75 -7.27
CA THR A 282 -6.40 -3.66 -6.42
C THR A 282 -7.51 -2.87 -7.11
N GLN A 283 -7.15 -1.77 -7.79
CA GLN A 283 -8.17 -1.02 -8.54
C GLN A 283 -8.83 -1.89 -9.60
N THR A 284 -8.04 -2.72 -10.28
CA THR A 284 -8.61 -3.56 -11.33
C THR A 284 -9.51 -4.63 -10.75
N ILE A 285 -9.17 -5.15 -9.56
CA ILE A 285 -10.03 -6.10 -8.88
C ILE A 285 -11.38 -5.47 -8.58
N ARG A 286 -11.37 -4.27 -8.01
CA ARG A 286 -12.62 -3.56 -7.73
CA ARG A 286 -12.63 -3.56 -7.72
C ARG A 286 -13.48 -3.43 -8.98
N GLU A 287 -12.87 -3.00 -10.08
CA GLU A 287 -13.59 -2.78 -11.33
C GLU A 287 -14.14 -4.10 -11.88
N MET A 288 -13.33 -5.16 -11.89
CA MET A 288 -13.85 -6.40 -12.48
C MET A 288 -14.93 -7.02 -11.60
N TYR A 289 -14.80 -6.90 -10.28
CA TYR A 289 -15.87 -7.38 -9.40
C TYR A 289 -17.17 -6.64 -9.68
N ALA A 290 -17.11 -5.33 -9.87
CA ALA A 290 -18.32 -4.58 -10.21
C ALA A 290 -18.87 -4.98 -11.58
N LEU A 291 -17.98 -5.12 -12.58
CA LEU A 291 -18.44 -5.41 -13.94
C LEU A 291 -19.00 -6.83 -14.12
N THR A 292 -18.68 -7.75 -13.20
CA THR A 292 -19.25 -9.09 -13.22
C THR A 292 -20.30 -9.28 -12.14
N GLN A 293 -20.71 -8.19 -11.48
CA GLN A 293 -21.77 -8.22 -10.46
C GLN A 293 -21.49 -9.25 -9.37
N GLY A 294 -20.22 -9.43 -9.03
CA GLY A 294 -19.87 -10.39 -8.00
C GLY A 294 -20.07 -11.84 -8.37
N ARG A 295 -20.37 -12.13 -9.63
CA ARG A 295 -20.73 -13.48 -10.04
C ARG A 295 -19.52 -14.37 -10.30
N VAL A 296 -18.35 -13.78 -10.51
CA VAL A 296 -17.17 -14.50 -10.99
C VAL A 296 -16.07 -14.44 -9.94
N PRO A 297 -15.66 -15.57 -9.33
CA PRO A 297 -14.56 -15.52 -8.37
C PRO A 297 -13.31 -14.90 -8.98
N ILE A 298 -12.62 -14.09 -8.18
CA ILE A 298 -11.40 -13.39 -8.58
C ILE A 298 -10.26 -13.86 -7.69
N ILE A 299 -9.14 -14.20 -8.30
CA ILE A 299 -7.88 -14.38 -7.60
C ILE A 299 -7.09 -13.08 -7.75
N GLY A 300 -6.78 -12.43 -6.62
CA GLY A 300 -6.16 -11.13 -6.65
C GLY A 300 -4.65 -11.26 -6.52
N VAL A 301 -3.93 -10.59 -7.41
N VAL A 301 -3.94 -10.59 -7.43
CA VAL A 301 -2.48 -10.74 -7.43
CA VAL A 301 -2.49 -10.73 -7.56
C VAL A 301 -1.84 -9.45 -7.94
C VAL A 301 -1.89 -9.38 -7.89
N GLY A 302 -0.71 -9.11 -7.34
CA GLY A 302 0.00 -7.88 -7.64
C GLY A 302 0.43 -7.16 -6.38
N GLY A 303 1.69 -7.33 -5.99
CA GLY A 303 2.22 -6.57 -4.88
C GLY A 303 1.79 -7.03 -3.50
N VAL A 304 1.30 -8.27 -3.37
CA VAL A 304 0.98 -8.79 -2.04
C VAL A 304 2.27 -9.16 -1.34
N SER A 305 2.58 -8.47 -0.24
CA SER A 305 3.70 -8.88 0.59
C SER A 305 3.35 -8.92 2.08
N SER A 306 2.09 -8.70 2.44
CA SER A 306 1.70 -8.70 3.84
C SER A 306 0.24 -9.13 3.92
N GLY A 307 -0.19 -9.46 5.13
CA GLY A 307 -1.59 -9.73 5.36
C GLY A 307 -2.48 -8.55 5.01
N GLN A 308 -2.00 -7.33 5.28
CA GLN A 308 -2.79 -6.15 4.94
C GLN A 308 -3.03 -6.07 3.44
N ASP A 309 -1.98 -6.33 2.63
CA ASP A 309 -2.16 -6.32 1.18
C ASP A 309 -3.20 -7.34 0.75
N ALA A 310 -3.15 -8.54 1.34
CA ALA A 310 -4.12 -9.57 0.99
C ALA A 310 -5.53 -9.15 1.38
N LEU A 311 -5.69 -8.57 2.58
CA LEU A 311 -7.02 -8.13 3.02
C LEU A 311 -7.59 -7.06 2.10
N GLU A 312 -6.74 -6.13 1.65
CA GLU A 312 -7.22 -5.08 0.76
C GLU A 312 -7.76 -5.68 -0.53
N LYS A 313 -7.09 -6.71 -1.06
CA LYS A 313 -7.57 -7.32 -2.29
C LYS A 313 -8.83 -8.14 -2.06
N ILE A 314 -8.93 -8.80 -0.91
CA ILE A 314 -10.15 -9.53 -0.58
C ILE A 314 -11.33 -8.57 -0.42
N ARG A 315 -11.13 -7.47 0.33
CA ARG A 315 -12.20 -6.47 0.46
C ARG A 315 -12.60 -5.91 -0.90
N ALA A 316 -11.65 -5.80 -1.84
CA ALA A 316 -11.94 -5.28 -3.17
C ALA A 316 -12.74 -6.27 -4.02
N GLY A 317 -12.78 -7.55 -3.63
CA GLY A 317 -13.57 -8.54 -4.33
C GLY A 317 -12.88 -9.86 -4.61
N ALA A 318 -11.63 -10.02 -4.19
CA ALA A 318 -10.93 -11.27 -4.42
C ALA A 318 -11.33 -12.36 -3.43
N SER A 319 -11.51 -13.59 -3.93
CA SER A 319 -11.75 -14.75 -3.08
C SER A 319 -10.47 -15.45 -2.67
N LEU A 320 -9.40 -15.30 -3.46
CA LEU A 320 -8.09 -15.88 -3.18
C LEU A 320 -7.07 -14.83 -3.58
N VAL A 321 -5.82 -15.00 -3.10
CA VAL A 321 -4.74 -14.11 -3.55
C VAL A 321 -3.54 -14.96 -3.94
N GLN A 322 -2.66 -14.37 -4.75
CA GLN A 322 -1.37 -15.00 -5.02
C GLN A 322 -0.27 -13.97 -4.79
N LEU A 323 0.94 -14.48 -4.59
CA LEU A 323 2.10 -13.60 -4.52
C LEU A 323 3.25 -14.28 -5.26
N TYR A 324 4.19 -13.45 -5.69
CA TYR A 324 5.41 -13.96 -6.30
C TYR A 324 6.56 -13.06 -5.89
N THR A 325 6.55 -11.79 -6.32
CA THR A 325 7.72 -10.95 -6.14
C THR A 325 8.12 -10.84 -4.66
N ALA A 326 7.14 -10.86 -3.74
CA ALA A 326 7.53 -10.73 -2.33
C ALA A 326 8.42 -11.87 -1.87
N LEU A 327 8.30 -13.06 -2.47
CA LEU A 327 9.16 -14.16 -2.09
C LEU A 327 10.62 -13.83 -2.36
N THR A 328 10.89 -13.06 -3.42
CA THR A 328 12.27 -12.75 -3.77
C THR A 328 12.91 -11.73 -2.83
N PHE A 329 12.13 -10.95 -2.09
CA PHE A 329 12.69 -10.00 -1.14
C PHE A 329 12.64 -10.48 0.30
N TRP A 330 11.60 -11.22 0.67
CA TRP A 330 11.43 -11.63 2.06
C TRP A 330 11.72 -13.10 2.28
N GLY A 331 11.83 -13.90 1.22
CA GLY A 331 12.09 -15.32 1.34
C GLY A 331 10.90 -16.14 1.83
N PRO A 332 11.11 -17.44 2.01
CA PRO A 332 10.01 -18.35 2.38
C PRO A 332 9.20 -17.89 3.58
N PRO A 333 9.79 -17.16 4.53
CA PRO A 333 8.97 -16.72 5.69
C PRO A 333 7.79 -15.86 5.31
N VAL A 334 7.77 -15.29 4.10
CA VAL A 334 6.68 -14.40 3.71
C VAL A 334 5.36 -15.15 3.65
N VAL A 335 5.37 -16.45 3.39
CA VAL A 335 4.11 -17.17 3.21
C VAL A 335 3.36 -17.26 4.54
N GLY A 336 4.02 -17.79 5.58
CA GLY A 336 3.43 -17.76 6.91
C GLY A 336 3.11 -16.36 7.40
N LYS A 337 3.94 -15.38 7.03
CA LYS A 337 3.69 -14.00 7.47
C LYS A 337 2.37 -13.48 6.90
N VAL A 338 2.18 -13.62 5.59
CA VAL A 338 0.91 -13.16 4.99
C VAL A 338 -0.27 -13.90 5.61
N LYS A 339 -0.14 -15.22 5.80
CA LYS A 339 -1.25 -16.00 6.34
C LYS A 339 -1.60 -15.60 7.77
N ARG A 340 -0.60 -15.47 8.64
CA ARG A 340 -0.93 -15.19 10.03
C ARG A 340 -1.36 -13.74 10.19
N GLU A 341 -0.80 -12.84 9.39
CA GLU A 341 -1.25 -11.45 9.45
C GLU A 341 -2.68 -11.32 8.95
N LEU A 342 -3.02 -12.01 7.85
CA LEU A 342 -4.39 -11.97 7.35
C LEU A 342 -5.36 -12.50 8.40
N GLU A 343 -5.05 -13.65 8.99
CA GLU A 343 -5.90 -14.20 10.04
C GLU A 343 -6.12 -13.19 11.16
N ALA A 344 -5.03 -12.57 11.64
CA ALA A 344 -5.13 -11.62 12.75
C ALA A 344 -5.99 -10.42 12.38
N LEU A 345 -5.83 -9.92 11.16
CA LEU A 345 -6.61 -8.76 10.74
C LEU A 345 -8.09 -9.11 10.61
N LEU A 346 -8.40 -10.30 10.08
CA LEU A 346 -9.78 -10.72 10.02
C LEU A 346 -10.39 -10.79 11.42
N LYS A 347 -9.65 -11.37 12.37
CA LYS A 347 -10.16 -11.49 13.75
C LYS A 347 -10.30 -10.11 14.39
N GLU A 348 -9.28 -9.27 14.22
CA GLU A 348 -9.33 -7.92 14.79
C GLU A 348 -10.60 -7.18 14.36
N GLN A 349 -11.00 -7.33 13.10
CA GLN A 349 -12.09 -6.57 12.53
C GLN A 349 -13.42 -7.31 12.54
N GLY A 350 -13.50 -8.43 13.25
CA GLY A 350 -14.79 -9.06 13.48
C GLY A 350 -15.33 -9.88 12.34
N PHE A 351 -14.49 -10.23 11.36
CA PHE A 351 -14.91 -11.13 10.30
C PHE A 351 -14.86 -12.57 10.79
N GLY A 352 -15.85 -13.36 10.37
CA GLY A 352 -15.85 -14.78 10.73
C GLY A 352 -14.86 -15.61 9.95
N GLY A 353 -14.45 -15.14 8.78
CA GLY A 353 -13.46 -15.83 7.98
C GLY A 353 -13.23 -15.04 6.72
N VAL A 354 -12.29 -15.54 5.91
CA VAL A 354 -12.00 -14.90 4.63
C VAL A 354 -13.28 -14.62 3.86
N THR A 355 -14.17 -15.62 3.79
CA THR A 355 -15.37 -15.50 2.95
C THR A 355 -16.22 -14.29 3.32
N ASP A 356 -16.30 -13.96 4.61
CA ASP A 356 -17.14 -12.84 5.03
CA ASP A 356 -17.11 -12.83 5.09
C ASP A 356 -16.60 -11.50 4.58
N ALA A 357 -15.30 -11.40 4.30
CA ALA A 357 -14.68 -10.14 3.91
C ALA A 357 -14.69 -9.91 2.40
N ILE A 358 -15.00 -10.93 1.59
CA ILE A 358 -14.92 -10.76 0.14
C ILE A 358 -15.92 -9.69 -0.29
N GLY A 359 -15.41 -8.68 -0.99
CA GLY A 359 -16.24 -7.58 -1.48
C GLY A 359 -16.73 -6.62 -0.44
N ALA A 360 -16.17 -6.64 0.77
CA ALA A 360 -16.63 -5.71 1.81
C ALA A 360 -16.50 -4.27 1.36
N ASP A 361 -15.55 -3.97 0.48
CA ASP A 361 -15.37 -2.58 0.07
C ASP A 361 -16.53 -2.10 -0.78
N HIS A 362 -17.15 -3.01 -1.55
CA HIS A 362 -18.32 -2.62 -2.34
C HIS A 362 -19.53 -2.40 -1.44
N ARG A 363 -19.63 -3.16 -0.35
CA ARG A 363 -20.71 -2.93 0.60
C ARG A 363 -20.57 -1.57 1.28
N ARG A 364 -19.33 -1.18 1.60
CA ARG A 364 -19.08 0.16 2.13
C ARG A 364 -19.58 1.23 1.15
N LEU A 365 -19.24 1.07 -0.13
CA LEU A 365 -19.59 2.10 -1.11
C LEU A 365 -21.09 2.16 -1.34
N GLU A 366 -21.77 1.01 -1.29
CA GLU A 366 -23.23 1.01 -1.43
C GLU A 366 -23.88 1.70 -0.23
N ALA A 367 -23.32 1.57 0.96
CA ALA A 367 -23.87 2.21 2.14
C ALA A 367 -23.64 3.72 2.03
N ARG B 4 -16.18 -2.37 12.37
CA ARG B 4 -17.00 -2.56 11.17
C ARG B 4 -18.26 -1.70 11.22
N PHE B 5 -18.77 -1.42 12.42
CA PHE B 5 -19.89 -0.48 12.53
C PHE B 5 -19.54 0.87 11.92
N TYR B 6 -18.39 1.42 12.30
CA TYR B 6 -17.96 2.69 11.71
C TYR B 6 -17.69 2.52 10.23
N ALA B 7 -16.93 1.49 9.87
CA ALA B 7 -16.45 1.35 8.50
C ALA B 7 -17.59 1.08 7.52
N GLU B 8 -18.58 0.28 7.91
CA GLU B 8 -19.61 -0.16 6.97
C GLU B 8 -20.94 0.56 7.15
N HIS B 9 -21.15 1.30 8.24
CA HIS B 9 -22.44 1.91 8.48
C HIS B 9 -22.36 3.39 8.83
N LEU B 10 -21.70 3.72 9.94
CA LEU B 10 -21.75 5.09 10.44
C LEU B 10 -21.01 6.06 9.52
N MET B 11 -19.77 5.74 9.13
CA MET B 11 -19.08 6.73 8.31
C MET B 11 -19.71 6.86 6.93
N PRO B 12 -20.09 5.77 6.26
CA PRO B 12 -20.81 5.94 4.98
C PRO B 12 -22.10 6.73 5.14
N THR B 13 -22.83 6.54 6.24
CA THR B 13 -24.05 7.31 6.46
C THR B 13 -23.75 8.80 6.55
N LEU B 14 -22.76 9.17 7.35
CA LEU B 14 -22.37 10.57 7.47
C LEU B 14 -21.92 11.13 6.12
N GLN B 15 -21.14 10.34 5.36
CA GLN B 15 -20.66 10.82 4.08
C GLN B 15 -21.80 11.04 3.09
N GLY B 16 -22.85 10.21 3.15
CA GLY B 16 -24.00 10.46 2.31
C GLY B 16 -24.88 11.58 2.80
N LEU B 17 -24.83 11.87 4.10
CA LEU B 17 -25.68 12.91 4.67
CA LEU B 17 -25.68 12.91 4.69
C LEU B 17 -25.14 14.31 4.43
N LEU B 18 -23.82 14.48 4.42
CA LEU B 18 -23.22 15.79 4.46
C LEU B 18 -22.12 15.93 3.40
N ASP B 19 -22.00 17.14 2.87
CA ASP B 19 -20.84 17.46 2.07
C ASP B 19 -19.60 17.45 2.96
N PRO B 20 -18.43 17.19 2.39
CA PRO B 20 -17.25 16.94 3.25
C PRO B 20 -16.85 18.11 4.15
N GLU B 21 -16.99 19.36 3.70
CA GLU B 21 -16.65 20.45 4.62
C GLU B 21 -17.63 20.52 5.79
N SER B 22 -18.93 20.33 5.53
CA SER B 22 -19.88 20.27 6.64
C SER B 22 -19.55 19.13 7.60
N ALA B 23 -19.18 17.97 7.07
CA ALA B 23 -18.86 16.85 7.96
C ALA B 23 -17.60 17.15 8.75
N HIS B 24 -16.62 17.78 8.11
CA HIS B 24 -15.41 18.23 8.79
C HIS B 24 -15.73 19.14 9.98
N ARG B 25 -16.59 20.14 9.75
CA ARG B 25 -16.95 21.06 10.83
C ARG B 25 -17.65 20.33 11.97
N LEU B 26 -18.59 19.44 11.63
CA LEU B 26 -19.26 18.65 12.65
C LEU B 26 -18.28 17.77 13.41
N ALA B 27 -17.33 17.16 12.69
CA ALA B 27 -16.35 16.27 13.32
C ALA B 27 -15.51 17.01 14.34
N VAL B 28 -15.07 18.22 14.00
CA VAL B 28 -14.25 18.99 14.95
C VAL B 28 -15.07 19.35 16.19
N ARG B 29 -16.29 19.84 15.99
CA ARG B 29 -17.10 20.25 17.14
C ARG B 29 -17.44 19.05 18.01
N PHE B 30 -17.82 17.93 17.40
CA PHE B 30 -18.12 16.77 18.22
C PHE B 30 -16.90 16.29 18.99
N THR B 31 -15.73 16.27 18.32
CA THR B 31 -14.50 15.84 18.99
C THR B 31 -14.18 16.74 20.17
N SER B 32 -14.46 18.04 20.04
CA SER B 32 -14.13 18.98 21.10
CA SER B 32 -14.12 18.98 21.09
C SER B 32 -14.88 18.71 22.39
N LEU B 33 -16.00 18.00 22.32
CA LEU B 33 -16.76 17.68 23.52
C LEU B 33 -16.09 16.58 24.33
N GLY B 34 -15.34 15.69 23.68
CA GLY B 34 -14.62 14.62 24.34
C GLY B 34 -15.52 13.60 25.01
N LEU B 35 -16.28 12.86 24.21
CA LEU B 35 -17.26 11.91 24.75
C LEU B 35 -16.99 10.49 24.30
N LEU B 36 -15.73 10.05 24.39
CA LEU B 36 -15.39 8.65 24.19
C LEU B 36 -14.35 8.23 25.23
N SER B 44 1.59 0.63 24.85
CA SER B 44 2.66 -0.26 25.29
C SER B 44 4.02 0.41 25.12
N ASP B 45 4.95 0.09 26.03
CA ASP B 45 6.25 0.75 26.07
C ASP B 45 6.99 0.67 24.74
N MET B 46 6.81 -0.41 23.98
CA MET B 46 7.54 -0.56 22.74
C MET B 46 7.18 0.49 21.69
N LEU B 47 6.06 1.20 21.86
CA LEU B 47 5.67 2.23 20.91
C LEU B 47 6.22 3.61 21.25
N GLU B 48 6.92 3.74 22.38
CA GLU B 48 7.42 5.04 22.79
C GLU B 48 8.62 5.44 21.94
N VAL B 49 8.64 6.71 21.53
CA VAL B 49 9.71 7.27 20.72
C VAL B 49 10.19 8.55 21.39
N ARG B 50 11.50 8.71 21.55
CA ARG B 50 12.08 9.95 22.02
C ARG B 50 12.78 10.63 20.84
N VAL B 51 12.22 11.76 20.41
CA VAL B 51 12.74 12.51 19.26
C VAL B 51 12.27 13.94 19.38
N LEU B 52 12.93 14.84 18.66
CA LEU B 52 12.54 16.25 18.62
C LEU B 52 12.54 16.84 20.04
N GLY B 53 13.40 16.30 20.90
CA GLY B 53 13.52 16.79 22.26
C GLY B 53 12.36 16.45 23.18
N HIS B 54 11.51 15.50 22.79
CA HIS B 54 10.32 15.19 23.55
C HIS B 54 10.07 13.69 23.55
N LYS B 55 9.26 13.27 24.53
CA LYS B 55 8.81 11.90 24.64
C LYS B 55 7.46 11.78 23.94
N PHE B 56 7.34 10.80 23.05
CA PHE B 56 6.08 10.50 22.36
C PHE B 56 5.61 9.13 22.85
N ARG B 57 4.48 9.11 23.56
CA ARG B 57 3.98 7.87 24.15
C ARG B 57 3.64 6.84 23.08
N ASN B 58 3.12 7.29 21.94
CA ASN B 58 2.97 6.42 20.78
C ASN B 58 3.26 7.26 19.54
N PRO B 59 3.58 6.62 18.42
CA PRO B 59 4.09 7.36 17.25
C PRO B 59 3.02 7.75 16.23
N VAL B 60 1.73 7.69 16.59
CA VAL B 60 0.64 7.94 15.67
C VAL B 60 0.00 9.29 16.01
N GLY B 61 0.22 10.29 15.16
CA GLY B 61 -0.33 11.61 15.37
C GLY B 61 -1.44 11.94 14.39
N ILE B 62 -2.19 13.00 14.71
CA ILE B 62 -3.16 13.57 13.77
C ILE B 62 -2.46 14.69 13.02
N ALA B 63 -2.51 14.62 11.69
CA ALA B 63 -1.84 15.58 10.83
C ALA B 63 -2.55 16.93 10.85
N ALA B 64 -1.81 17.96 10.46
CA ALA B 64 -2.38 19.29 10.34
C ALA B 64 -3.55 19.31 9.37
N GLY B 65 -4.47 20.24 9.63
CA GLY B 65 -5.60 20.48 8.75
C GLY B 65 -6.89 19.86 9.22
N PHE B 66 -6.87 19.02 10.24
CA PHE B 66 -8.12 18.55 10.82
C PHE B 66 -8.62 19.56 11.85
N ASP B 67 -7.80 19.84 12.87
CA ASP B 67 -8.10 20.89 13.84
C ASP B 67 -7.28 22.14 13.45
N LYS B 68 -7.75 22.85 12.43
CA LYS B 68 -7.01 24.00 11.93
C LYS B 68 -6.90 25.12 12.96
N HIS B 69 -7.90 25.27 13.83
CA HIS B 69 -7.98 26.44 14.70
C HIS B 69 -7.84 26.10 16.19
N GLY B 70 -7.35 24.90 16.53
CA GLY B 70 -7.08 24.56 17.93
C GLY B 70 -8.31 24.41 18.81
N GLU B 71 -9.40 23.86 18.26
CA GLU B 71 -10.69 23.76 18.92
C GLU B 71 -10.96 22.41 19.56
N ALA B 72 -10.19 21.39 19.21
CA ALA B 72 -10.51 20.01 19.60
C ALA B 72 -9.30 19.26 20.11
N VAL B 73 -8.30 19.97 20.65
CA VAL B 73 -7.03 19.32 20.99
C VAL B 73 -7.23 18.22 22.03
N ASP B 74 -7.97 18.52 23.11
CA ASP B 74 -8.09 17.50 24.17
C ASP B 74 -8.88 16.29 23.67
N GLY B 75 -9.93 16.52 22.87
CA GLY B 75 -10.66 15.40 22.30
C GLY B 75 -9.80 14.52 21.41
N LEU B 76 -8.81 15.11 20.73
CA LEU B 76 -7.97 14.30 19.85
C LEU B 76 -7.03 13.42 20.65
N TYR B 77 -6.48 13.94 21.76
CA TYR B 77 -5.73 13.07 22.65
C TYR B 77 -6.61 11.95 23.20
N LYS B 78 -7.86 12.25 23.54
CA LYS B 78 -8.74 11.21 24.04
C LYS B 78 -9.02 10.14 22.99
N MET B 79 -8.87 10.46 21.71
CA MET B 79 -9.09 9.50 20.63
C MET B 79 -7.94 8.51 20.53
N GLY B 80 -6.81 8.78 21.17
CA GLY B 80 -5.69 7.87 21.21
C GLY B 80 -4.43 8.36 20.52
N PHE B 81 -4.45 9.53 19.89
CA PHE B 81 -3.26 10.02 19.20
C PHE B 81 -2.13 10.29 20.18
N GLY B 82 -0.91 9.87 19.81
CA GLY B 82 0.26 10.16 20.61
C GLY B 82 0.75 11.59 20.52
N PHE B 83 0.33 12.33 19.51
CA PHE B 83 0.62 13.76 19.41
C PHE B 83 -0.42 14.40 18.50
N VAL B 84 -0.58 15.71 18.65
CA VAL B 84 -1.60 16.46 17.92
C VAL B 84 -0.92 17.64 17.24
N GLU B 85 -1.17 17.82 15.95
CA GLU B 85 -0.70 19.00 15.24
C GLU B 85 -1.90 19.84 14.82
N ILE B 86 -1.96 21.08 15.29
CA ILE B 86 -3.02 22.00 14.90
C ILE B 86 -2.51 22.89 13.77
N GLY B 87 -3.43 23.59 13.12
CA GLY B 87 -3.05 24.45 12.01
C GLY B 87 -3.46 23.84 10.68
N SER B 88 -3.06 24.51 9.59
CA SER B 88 -2.20 25.69 9.60
C SER B 88 -2.90 26.94 10.12
N VAL B 89 -2.16 27.79 10.82
CA VAL B 89 -2.68 29.03 11.41
C VAL B 89 -1.96 30.19 10.76
N THR B 90 -2.73 31.20 10.27
CA THR B 90 -2.12 32.37 9.66
C THR B 90 -2.17 33.54 10.63
N PRO B 91 -1.29 34.54 10.49
CA PRO B 91 -1.27 35.65 11.46
C PRO B 91 -2.62 36.35 11.60
N LYS B 92 -3.14 36.88 10.49
CA LYS B 92 -4.46 37.46 10.54
C LYS B 92 -5.49 36.42 10.11
N PRO B 93 -6.74 36.55 10.57
CA PRO B 93 -7.78 35.65 10.07
C PRO B 93 -7.95 35.82 8.56
N GLN B 94 -8.24 34.72 7.88
CA GLN B 94 -8.57 34.83 6.46
C GLN B 94 -9.53 33.71 6.08
N GLU B 95 -10.31 33.95 5.02
CA GLU B 95 -11.42 33.07 4.70
C GLU B 95 -11.03 31.81 3.94
N GLY B 96 -9.89 31.80 3.26
CA GLY B 96 -9.60 30.70 2.36
C GLY B 96 -10.28 30.84 1.01
N ASN B 97 -10.22 29.77 0.22
CA ASN B 97 -10.80 29.77 -1.12
C ASN B 97 -12.32 29.64 -1.06
N PRO B 98 -13.02 30.02 -2.13
CA PRO B 98 -14.48 29.86 -2.13
C PRO B 98 -14.89 28.40 -2.15
N ARG B 99 -16.08 28.13 -1.60
CA ARG B 99 -16.65 26.81 -1.61
C ARG B 99 -17.35 26.54 -2.92
N PRO B 100 -17.46 25.27 -3.33
CA PRO B 100 -16.91 24.09 -2.65
C PRO B 100 -15.41 24.00 -2.78
N ARG B 101 -14.75 23.45 -1.74
CA ARG B 101 -13.30 23.37 -1.73
C ARG B 101 -12.79 22.08 -1.11
N VAL B 102 -13.68 21.12 -0.84
CA VAL B 102 -13.30 19.79 -0.36
C VAL B 102 -14.13 18.77 -1.13
N PHE B 103 -13.48 17.69 -1.60
CA PHE B 103 -14.13 16.74 -2.49
C PHE B 103 -13.75 15.31 -2.11
N ARG B 104 -14.76 14.45 -2.02
CA ARG B 104 -14.56 13.06 -1.65
C ARG B 104 -14.35 12.18 -2.88
N LEU B 105 -13.38 11.27 -2.80
CA LEU B 105 -13.15 10.24 -3.80
CA LEU B 105 -13.14 10.24 -3.79
C LEU B 105 -13.36 8.90 -3.10
N PRO B 106 -14.61 8.51 -2.87
CA PRO B 106 -14.85 7.35 -2.00
C PRO B 106 -14.27 6.05 -2.52
N GLU B 107 -14.35 5.82 -3.83
CA GLU B 107 -13.82 4.59 -4.42
C GLU B 107 -12.32 4.48 -4.22
N ASP B 108 -11.62 5.60 -4.12
CA ASP B 108 -10.17 5.64 -3.96
C ASP B 108 -9.74 5.80 -2.51
N GLN B 109 -10.69 5.91 -1.59
CA GLN B 109 -10.40 6.20 -0.18
C GLN B 109 -9.50 7.43 -0.10
N ALA B 110 -9.89 8.47 -0.83
CA ALA B 110 -9.07 9.67 -0.97
C ALA B 110 -9.96 10.91 -0.84
N VAL B 111 -9.30 12.05 -0.67
CA VAL B 111 -9.92 13.37 -0.61
C VAL B 111 -9.07 14.32 -1.44
N ILE B 112 -9.72 15.29 -2.08
CA ILE B 112 -9.05 16.42 -2.68
C ILE B 112 -9.52 17.68 -1.96
N ASN B 113 -8.58 18.53 -1.52
CA ASN B 113 -8.98 19.78 -0.90
C ASN B 113 -8.20 20.96 -1.46
N ARG B 114 -8.88 22.10 -1.51
CA ARG B 114 -8.26 23.39 -1.82
C ARG B 114 -8.79 24.43 -0.85
N TYR B 115 -8.68 24.13 0.45
CA TYR B 115 -9.19 25.02 1.48
C TYR B 115 -8.60 26.42 1.35
N GLY B 116 -7.31 26.52 1.02
CA GLY B 116 -6.68 27.83 0.88
C GLY B 116 -6.31 28.48 2.20
N PHE B 117 -5.99 27.68 3.22
CA PHE B 117 -5.50 28.22 4.49
C PHE B 117 -6.53 29.12 5.17
N ASN B 118 -7.78 28.65 5.19
CA ASN B 118 -8.79 29.27 6.06
C ASN B 118 -8.32 29.20 7.51
N SER B 119 -8.32 30.35 8.19
CA SER B 119 -7.74 30.39 9.53
C SER B 119 -8.44 31.42 10.38
N HIS B 120 -8.69 31.06 11.64
CA HIS B 120 -9.19 32.02 12.62
C HIS B 120 -8.12 33.03 13.05
N GLY B 121 -6.87 32.81 12.67
CA GLY B 121 -5.79 33.73 12.98
C GLY B 121 -5.08 33.41 14.29
N LEU B 122 -3.88 33.98 14.44
CA LEU B 122 -3.02 33.63 15.57
C LEU B 122 -3.62 34.02 16.91
N SER B 123 -4.28 35.18 16.99
CA SER B 123 -4.75 35.64 18.28
C SER B 123 -5.85 34.73 18.84
N VAL B 124 -6.84 34.41 18.00
CA VAL B 124 -7.91 33.51 18.42
C VAL B 124 -7.34 32.16 18.83
N VAL B 125 -6.42 31.62 18.03
CA VAL B 125 -5.85 30.31 18.35
C VAL B 125 -5.02 30.39 19.63
N GLU B 126 -4.22 31.46 19.79
CA GLU B 126 -3.45 31.61 21.02
C GLU B 126 -4.34 31.60 22.25
N HIS B 127 -5.47 32.31 22.18
CA HIS B 127 -6.36 32.38 23.33
C HIS B 127 -6.93 31.00 23.67
N ARG B 128 -7.26 30.20 22.65
CA ARG B 128 -7.71 28.83 22.91
C ARG B 128 -6.61 28.00 23.59
N LEU B 129 -5.38 28.12 23.10
CA LEU B 129 -4.32 27.32 23.68
C LEU B 129 -3.96 27.80 25.09
N ARG B 130 -4.03 29.11 25.34
CA ARG B 130 -3.75 29.63 26.68
C ARG B 130 -4.75 29.10 27.69
N ALA B 131 -6.01 28.98 27.30
CA ALA B 131 -7.06 28.50 28.20
C ALA B 131 -6.77 27.10 28.73
N ARG B 132 -6.04 26.29 27.96
CA ARG B 132 -5.74 24.92 28.35
C ARG B 132 -4.25 24.69 28.54
N GLN B 133 -3.49 25.76 28.80
CA GLN B 133 -2.04 25.64 28.84
C GLN B 133 -1.56 24.72 29.97
N GLN B 134 -2.22 24.79 31.13
CA GLN B 134 -1.83 23.90 32.23
C GLN B 134 -2.09 22.44 31.88
N LYS B 135 -3.25 22.16 31.27
CA LYS B 135 -3.53 20.78 30.87
C LYS B 135 -2.49 20.29 29.87
N GLN B 136 -2.10 21.13 28.91
CA GLN B 136 -1.13 20.70 27.91
C GLN B 136 0.24 20.44 28.55
N ALA B 137 0.62 21.24 29.55
CA ALA B 137 1.90 20.99 30.22
C ALA B 137 1.91 19.57 30.81
N LYS B 138 0.80 19.14 31.40
CA LYS B 138 0.70 17.80 31.95
C LYS B 138 0.70 16.74 30.85
N LEU B 139 -0.05 16.97 29.77
CA LEU B 139 -0.03 16.04 28.65
C LEU B 139 1.36 15.88 28.05
N THR B 140 2.06 17.00 27.82
CA THR B 140 3.41 16.92 27.28
C THR B 140 4.33 16.14 28.19
N GLU B 141 4.24 16.39 29.50
CA GLU B 141 5.12 15.66 30.42
C GLU B 141 4.78 14.18 30.44
N ASP B 142 3.53 13.83 30.18
CA ASP B 142 3.09 12.45 30.06
C ASP B 142 3.35 11.85 28.68
N GLY B 143 4.09 12.53 27.80
CA GLY B 143 4.42 11.96 26.51
C GLY B 143 3.44 12.24 25.39
N LEU B 144 2.68 13.33 25.47
CA LEU B 144 1.64 13.64 24.49
C LEU B 144 1.85 15.06 23.99
N PRO B 145 2.84 15.26 23.12
CA PRO B 145 3.23 16.62 22.72
C PRO B 145 2.24 17.27 21.75
N LEU B 146 2.35 18.59 21.65
CA LEU B 146 1.50 19.42 20.80
C LEU B 146 2.34 20.12 19.73
N GLY B 147 1.96 19.95 18.46
CA GLY B 147 2.60 20.65 17.36
C GLY B 147 1.70 21.73 16.79
N VAL B 148 2.31 22.78 16.24
CA VAL B 148 1.59 23.90 15.64
C VAL B 148 2.17 24.16 14.26
N ASN B 149 1.31 24.07 13.25
CA ASN B 149 1.71 24.32 11.87
C ASN B 149 1.40 25.77 11.54
N LEU B 150 2.43 26.53 11.15
CA LEU B 150 2.34 27.97 10.96
C LEU B 150 2.24 28.32 9.48
N GLY B 151 1.24 29.13 9.12
CA GLY B 151 1.06 29.58 7.76
C GLY B 151 1.29 31.07 7.60
N LYS B 152 1.16 31.52 6.35
CA LYS B 152 1.24 32.94 6.03
C LYS B 152 -0.06 33.38 5.38
N ASN B 153 -0.34 34.69 5.48
CA ASN B 153 -1.53 35.22 4.85
C ASN B 153 -1.36 35.34 3.34
N LYS B 154 -2.48 35.16 2.64
CA LYS B 154 -2.48 35.16 1.18
C LYS B 154 -1.85 36.44 0.63
N THR B 155 -2.18 37.59 1.21
CA THR B 155 -1.79 38.88 0.66
C THR B 155 -0.50 39.42 1.26
N SER B 156 0.26 38.60 1.98
CA SER B 156 1.49 39.09 2.60
C SER B 156 2.62 39.13 1.57
N VAL B 157 3.34 40.24 1.53
CA VAL B 157 4.54 40.33 0.71
C VAL B 157 5.73 39.75 1.45
N ASP B 158 5.79 39.97 2.77
CA ASP B 158 6.91 39.54 3.60
C ASP B 158 6.55 38.22 4.27
N ALA B 159 6.78 37.13 3.54
CA ALA B 159 6.41 35.81 4.05
C ALA B 159 7.16 35.49 5.35
N ALA B 160 8.47 35.76 5.37
CA ALA B 160 9.26 35.46 6.56
C ALA B 160 8.67 36.11 7.80
N GLU B 161 8.14 37.33 7.64
CA GLU B 161 7.58 38.05 8.79
C GLU B 161 6.34 37.35 9.32
N ASP B 162 5.52 36.76 8.45
CA ASP B 162 4.34 36.04 8.93
C ASP B 162 4.74 34.83 9.76
N TYR B 163 5.73 34.06 9.30
CA TYR B 163 6.14 32.88 10.06
C TYR B 163 6.80 33.28 11.37
N ALA B 164 7.60 34.35 11.37
CA ALA B 164 8.22 34.80 12.61
C ALA B 164 7.16 35.21 13.63
N GLU B 165 6.10 35.88 13.17
CA GLU B 165 5.02 36.23 14.09
C GLU B 165 4.38 34.98 14.69
N GLY B 166 4.20 33.94 13.87
CA GLY B 166 3.70 32.68 14.39
C GLY B 166 4.57 32.13 15.50
N VAL B 167 5.89 32.20 15.34
CA VAL B 167 6.79 31.72 16.38
C VAL B 167 6.60 32.53 17.67
N ARG B 168 6.48 33.85 17.55
CA ARG B 168 6.37 34.68 18.73
C ARG B 168 5.07 34.43 19.49
N VAL B 169 3.99 34.17 18.77
CA VAL B 169 2.67 34.07 19.42
C VAL B 169 2.41 32.67 19.93
N LEU B 170 2.71 31.65 19.13
CA LEU B 170 2.36 30.29 19.50
C LEU B 170 3.56 29.46 19.91
N GLY B 171 4.79 29.91 19.64
CA GLY B 171 5.97 29.22 20.11
C GLY B 171 5.97 28.90 21.59
N PRO B 172 5.53 29.83 22.46
CA PRO B 172 5.54 29.54 23.91
C PRO B 172 4.62 28.43 24.32
N LEU B 173 3.71 27.98 23.44
CA LEU B 173 2.70 27.00 23.75
C LEU B 173 2.94 25.66 23.06
N ALA B 174 3.87 25.61 22.13
CA ALA B 174 4.06 24.45 21.28
C ALA B 174 5.26 23.63 21.72
N ASP B 175 5.17 22.31 21.52
CA ASP B 175 6.35 21.45 21.61
C ASP B 175 7.12 21.38 20.29
N TYR B 176 6.44 21.59 19.16
CA TYR B 176 7.16 21.76 17.91
C TYR B 176 6.34 22.67 17.00
N LEU B 177 7.04 23.29 16.06
CA LEU B 177 6.46 24.19 15.08
C LEU B 177 6.80 23.67 13.68
N VAL B 178 5.88 23.88 12.74
CA VAL B 178 6.05 23.41 11.37
C VAL B 178 5.88 24.57 10.39
N VAL B 179 6.78 24.65 9.40
CA VAL B 179 6.63 25.54 8.26
C VAL B 179 6.55 24.69 6.99
N ASN B 180 5.49 24.87 6.20
CA ASN B 180 5.37 24.13 4.93
C ASN B 180 6.17 24.80 3.83
N VAL B 181 6.85 23.98 3.02
CA VAL B 181 7.56 24.45 1.83
C VAL B 181 6.96 23.75 0.61
N SER B 182 6.55 24.55 -0.38
CA SER B 182 5.93 24.00 -1.58
C SER B 182 6.62 24.50 -2.84
N SER B 183 5.83 24.85 -3.85
CA SER B 183 6.33 25.47 -5.07
C SER B 183 5.19 26.04 -5.89
N LEU B 192 16.07 31.21 -8.60
CA LEU B 192 17.09 31.33 -7.55
C LEU B 192 16.58 32.23 -6.42
N GLN B 193 15.71 33.18 -6.76
CA GLN B 193 15.15 34.05 -5.72
C GLN B 193 14.29 33.25 -4.75
N GLY B 194 13.58 32.24 -5.23
CA GLY B 194 12.76 31.43 -4.35
C GLY B 194 13.58 30.57 -3.41
N LYS B 195 14.65 29.96 -3.91
CA LYS B 195 15.56 29.22 -3.04
C LYS B 195 16.15 30.12 -1.97
N ALA B 196 16.58 31.33 -2.36
CA ALA B 196 17.14 32.25 -1.37
C ALA B 196 16.08 32.67 -0.36
N GLU B 197 14.83 32.85 -0.80
CA GLU B 197 13.78 33.24 0.12
C GLU B 197 13.53 32.14 1.15
N LEU B 198 13.57 30.87 0.72
CA LEU B 198 13.36 29.79 1.66
C LEU B 198 14.45 29.76 2.72
N ARG B 199 15.71 29.91 2.30
CA ARG B 199 16.80 29.92 3.26
C ARG B 199 16.63 31.06 4.26
N ARG B 200 16.26 32.25 3.78
CA ARG B 200 16.15 33.37 4.70
C ARG B 200 14.98 33.19 5.66
N LEU B 201 13.84 32.68 5.17
CA LEU B 201 12.70 32.58 6.06
C LEU B 201 12.93 31.49 7.11
N LEU B 202 13.60 30.39 6.74
CA LEU B 202 13.92 29.39 7.74
C LEU B 202 14.94 29.91 8.75
N THR B 203 15.88 30.74 8.30
CA THR B 203 16.80 31.36 9.24
C THR B 203 16.05 32.26 10.23
N LYS B 204 15.10 33.05 9.73
CA LYS B 204 14.35 33.94 10.62
C LYS B 204 13.51 33.15 11.62
N VAL B 205 12.88 32.06 11.17
CA VAL B 205 12.08 31.22 12.07
C VAL B 205 12.94 30.63 13.18
N LEU B 206 14.13 30.14 12.83
CA LEU B 206 15.02 29.56 13.85
C LEU B 206 15.53 30.62 14.83
N GLN B 207 15.85 31.81 14.32
CA GLN B 207 16.29 32.88 15.21
C GLN B 207 15.20 33.27 16.18
N GLU B 208 13.97 33.39 15.69
CA GLU B 208 12.84 33.70 16.56
C GLU B 208 12.62 32.61 17.60
N ARG B 209 12.74 31.34 17.19
CA ARG B 209 12.61 30.23 18.13
C ARG B 209 13.67 30.31 19.21
N ASP B 210 14.93 30.54 18.81
CA ASP B 210 16.03 30.63 19.77
C ASP B 210 15.83 31.78 20.75
N GLY B 211 15.11 32.82 20.33
CA GLY B 211 14.83 33.97 21.17
C GLY B 211 13.73 33.79 22.19
N LEU B 212 12.99 32.68 22.14
CA LEU B 212 11.99 32.42 23.16
C LEU B 212 12.66 32.14 24.50
N ARG B 213 12.05 32.64 25.57
CA ARG B 213 12.58 32.46 26.92
C ARG B 213 11.75 31.38 27.61
N ARG B 214 12.11 30.13 27.35
CA ARG B 214 11.48 29.01 28.03
C ARG B 214 12.49 27.87 28.13
N VAL B 215 12.20 26.94 29.04
CA VAL B 215 13.15 25.86 29.34
C VAL B 215 13.35 24.99 28.10
N HIS B 216 12.26 24.42 27.59
CA HIS B 216 12.28 23.55 26.43
C HIS B 216 11.67 24.31 25.25
N ARG B 217 12.50 25.06 24.54
CA ARG B 217 12.05 25.75 23.35
C ARG B 217 11.61 24.72 22.30
N PRO B 218 10.64 25.06 21.45
CA PRO B 218 10.08 24.04 20.55
C PRO B 218 11.02 23.69 19.41
N ALA B 219 10.92 22.44 18.97
CA ALA B 219 11.56 22.01 17.73
C ALA B 219 10.90 22.72 16.55
N VAL B 220 11.66 22.90 15.46
CA VAL B 220 11.16 23.47 14.22
C VAL B 220 11.32 22.45 13.11
N LEU B 221 10.23 22.15 12.40
CA LEU B 221 10.25 21.20 11.30
C LEU B 221 9.80 21.86 9.99
N VAL B 222 10.26 21.30 8.89
CA VAL B 222 9.85 21.68 7.54
C VAL B 222 8.98 20.56 6.97
N LYS B 223 7.81 20.92 6.43
CA LYS B 223 6.89 19.95 5.82
C LYS B 223 6.89 20.14 4.31
N ILE B 224 7.09 19.04 3.57
CA ILE B 224 7.23 19.11 2.11
C ILE B 224 6.10 18.34 1.43
N ALA B 225 5.71 18.81 0.24
CA ALA B 225 4.85 18.01 -0.62
C ALA B 225 5.69 16.98 -1.36
N PRO B 226 5.06 15.96 -1.96
CA PRO B 226 5.82 15.01 -2.77
C PRO B 226 6.16 15.53 -4.15
N ASP B 227 5.68 16.72 -4.51
CA ASP B 227 5.78 17.23 -5.87
C ASP B 227 7.00 18.15 -5.97
N LEU B 228 8.15 17.53 -5.87
CA LEU B 228 9.41 18.26 -5.92
C LEU B 228 10.35 17.53 -6.87
N THR B 229 11.20 18.29 -7.54
CA THR B 229 12.21 17.65 -8.36
C THR B 229 13.30 17.07 -7.47
N SER B 230 14.12 16.20 -8.09
CA SER B 230 15.28 15.65 -7.41
C SER B 230 16.19 16.75 -6.86
N GLN B 231 16.43 17.80 -7.64
CA GLN B 231 17.29 18.87 -7.13
C GLN B 231 16.61 19.66 -6.02
N ASP B 232 15.29 19.87 -6.12
CA ASP B 232 14.55 20.47 -5.01
C ASP B 232 14.80 19.69 -3.73
N LYS B 233 14.69 18.35 -3.80
CA LYS B 233 14.79 17.55 -2.59
C LYS B 233 16.21 17.58 -2.04
N GLU B 234 17.22 17.55 -2.93
CA GLU B 234 18.59 17.72 -2.45
C GLU B 234 18.80 19.08 -1.79
N ASP B 235 18.23 20.14 -2.38
CA ASP B 235 18.39 21.48 -1.81
C ASP B 235 17.71 21.59 -0.44
N ILE B 236 16.54 20.97 -0.28
CA ILE B 236 15.85 20.99 1.00
C ILE B 236 16.65 20.24 2.05
N ALA B 237 17.17 19.07 1.69
CA ALA B 237 17.99 18.31 2.63
C ALA B 237 19.23 19.11 3.03
N SER B 238 19.83 19.80 2.06
CA SER B 238 21.04 20.58 2.35
CA SER B 238 21.03 20.58 2.33
C SER B 238 20.75 21.72 3.30
N VAL B 239 19.69 22.50 3.05
CA VAL B 239 19.41 23.65 3.90
C VAL B 239 18.97 23.20 5.29
N VAL B 240 18.21 22.10 5.37
CA VAL B 240 17.77 21.60 6.67
C VAL B 240 18.97 21.26 7.54
N LYS B 241 19.96 20.56 6.96
CA LYS B 241 21.16 20.21 7.72
C LYS B 241 22.01 21.45 8.01
N GLU B 242 22.15 22.34 7.04
CA GLU B 242 22.98 23.53 7.25
C GLU B 242 22.43 24.42 8.36
N LEU B 243 21.14 24.69 8.34
CA LEU B 243 20.55 25.65 9.27
C LEU B 243 20.23 25.06 10.63
N GLY B 244 20.14 23.73 10.74
CA GLY B 244 19.77 23.14 12.01
C GLY B 244 18.28 22.97 12.21
N ILE B 245 17.51 22.82 11.13
CA ILE B 245 16.12 22.44 11.26
C ILE B 245 16.05 21.09 11.96
N ASP B 246 15.06 20.94 12.86
CA ASP B 246 15.04 19.79 13.77
C ASP B 246 14.42 18.54 13.15
N GLY B 247 13.58 18.69 12.13
CA GLY B 247 12.96 17.51 11.53
C GLY B 247 12.24 17.87 10.26
N LEU B 248 11.75 16.82 9.58
CA LEU B 248 11.00 16.94 8.34
C LEU B 248 9.66 16.24 8.49
N ILE B 249 8.62 16.80 7.90
CA ILE B 249 7.33 16.13 7.77
C ILE B 249 7.13 15.82 6.28
N VAL B 250 6.92 14.54 5.98
CA VAL B 250 6.99 13.99 4.63
C VAL B 250 5.81 13.04 4.49
N THR B 251 4.69 13.43 3.84
CA THR B 251 4.49 14.61 2.98
C THR B 251 3.13 15.28 3.18
N ASN B 252 3.01 16.47 2.60
CA ASN B 252 1.72 17.14 2.36
C ASN B 252 0.98 16.40 1.25
N THR B 253 -0.15 16.97 0.83
CA THR B 253 -0.94 16.41 -0.27
C THR B 253 -0.23 16.62 -1.61
N THR B 254 -0.70 15.90 -2.63
CA THR B 254 -0.10 15.97 -3.95
C THR B 254 -1.05 16.61 -4.97
N VAL B 255 -0.49 17.45 -5.85
CA VAL B 255 -1.26 17.93 -7.01
C VAL B 255 -1.22 16.93 -8.16
N SER B 256 -0.44 15.88 -8.06
CA SER B 256 -0.47 14.85 -9.08
C SER B 256 -1.73 14.01 -8.92
N ARG B 257 -2.06 13.24 -9.97
CA ARG B 257 -3.22 12.35 -9.97
C ARG B 257 -2.75 10.99 -10.45
N PRO B 258 -2.40 10.09 -9.55
CA PRO B 258 -1.88 8.78 -9.96
C PRO B 258 -2.83 8.07 -10.91
N ALA B 259 -2.27 7.20 -11.74
CA ALA B 259 -3.09 6.43 -12.67
C ALA B 259 -4.05 5.55 -11.88
N GLY B 260 -5.23 5.33 -12.45
CA GLY B 260 -6.17 4.41 -11.87
C GLY B 260 -7.20 5.02 -10.94
N LEU B 261 -7.11 6.31 -10.63
CA LEU B 261 -8.15 6.92 -9.81
C LEU B 261 -9.52 6.69 -10.45
N GLN B 262 -10.50 6.36 -9.62
CA GLN B 262 -11.85 6.05 -10.09
C GLN B 262 -12.89 7.08 -9.67
N GLY B 263 -12.61 7.90 -8.67
CA GLY B 263 -13.61 8.83 -8.18
C GLY B 263 -14.02 9.84 -9.25
N ALA B 264 -15.31 10.18 -9.24
CA ALA B 264 -15.82 11.12 -10.25
C ALA B 264 -15.16 12.48 -10.15
N LEU B 265 -14.77 12.90 -8.94
CA LEU B 265 -14.25 14.23 -8.70
C LEU B 265 -12.73 14.29 -8.78
N ARG B 266 -12.10 13.31 -9.43
CA ARG B 266 -10.65 13.24 -9.43
C ARG B 266 -9.99 14.40 -10.17
N SER B 267 -10.71 15.11 -11.05
CA SER B 267 -10.13 16.23 -11.78
C SER B 267 -10.29 17.57 -11.06
N GLU B 268 -10.89 17.57 -9.88
CA GLU B 268 -10.93 18.81 -9.11
C GLU B 268 -9.52 19.26 -8.76
N THR B 269 -9.30 20.57 -8.85
CA THR B 269 -7.99 21.14 -8.50
C THR B 269 -7.78 21.14 -7.00
N GLY B 270 -6.57 20.78 -6.57
CA GLY B 270 -6.22 20.83 -5.17
C GLY B 270 -5.29 19.68 -4.81
N GLY B 271 -5.12 19.48 -3.49
CA GLY B 271 -4.23 18.45 -3.00
C GLY B 271 -4.96 17.15 -2.71
N LEU B 272 -4.43 16.06 -3.25
CA LEU B 272 -4.96 14.72 -3.07
C LEU B 272 -4.33 14.08 -1.84
N SER B 273 -5.16 13.45 -1.01
CA SER B 273 -4.72 12.80 0.21
C SER B 273 -5.29 11.38 0.27
N GLY B 274 -4.89 10.60 1.28
CA GLY B 274 -5.47 9.28 1.46
C GLY B 274 -4.72 8.20 0.71
N LYS B 275 -5.41 7.11 0.43
CA LYS B 275 -4.71 5.91 -0.06
C LYS B 275 -3.85 6.15 -1.30
N PRO B 276 -4.27 6.94 -2.30
CA PRO B 276 -3.43 7.12 -3.50
C PRO B 276 -2.12 7.84 -3.23
N LEU B 277 -1.97 8.48 -2.07
CA LEU B 277 -0.73 9.17 -1.73
C LEU B 277 0.27 8.26 -1.03
N ARG B 278 -0.14 7.03 -0.68
CA ARG B 278 0.68 6.13 0.13
C ARG B 278 2.06 5.91 -0.50
N ASP B 279 2.09 5.53 -1.79
CA ASP B 279 3.37 5.18 -2.41
C ASP B 279 4.26 6.41 -2.58
N LEU B 280 3.71 7.51 -3.09
CA LEU B 280 4.51 8.71 -3.29
C LEU B 280 5.11 9.18 -1.98
N SER B 281 4.32 9.15 -0.90
CA SER B 281 4.84 9.63 0.38
C SER B 281 5.94 8.71 0.91
N THR B 282 5.72 7.39 0.85
CA THR B 282 6.77 6.46 1.33
C THR B 282 8.04 6.59 0.50
N GLN B 283 7.92 6.72 -0.83
CA GLN B 283 9.10 6.94 -1.67
C GLN B 283 9.86 8.19 -1.25
N THR B 284 9.13 9.27 -0.96
CA THR B 284 9.79 10.52 -0.60
C THR B 284 10.48 10.42 0.75
N ILE B 285 9.87 9.66 1.68
CA ILE B 285 10.52 9.41 2.97
C ILE B 285 11.86 8.72 2.76
N ARG B 286 11.87 7.64 1.96
CA ARG B 286 13.13 6.94 1.69
CA ARG B 286 13.12 6.95 1.68
C ARG B 286 14.18 7.91 1.15
N GLU B 287 13.78 8.74 0.19
CA GLU B 287 14.70 9.67 -0.45
C GLU B 287 15.23 10.69 0.55
N MET B 288 14.34 11.29 1.35
CA MET B 288 14.82 12.31 2.28
C MET B 288 15.68 11.71 3.38
N TYR B 289 15.39 10.47 3.80
CA TYR B 289 16.21 9.83 4.82
C TYR B 289 17.62 9.62 4.29
N ALA B 290 17.73 9.21 3.03
CA ALA B 290 19.04 9.01 2.42
C ALA B 290 19.78 10.34 2.24
N LEU B 291 19.08 11.38 1.78
CA LEU B 291 19.69 12.68 1.53
C LEU B 291 20.12 13.40 2.80
N THR B 292 19.59 13.01 3.95
CA THR B 292 20.00 13.60 5.21
C THR B 292 20.83 12.63 6.04
N GLN B 293 21.24 11.50 5.47
CA GLN B 293 22.13 10.57 6.14
C GLN B 293 21.55 10.07 7.46
N GLY B 294 20.22 10.02 7.55
CA GLY B 294 19.60 9.57 8.78
C GLY B 294 19.75 10.52 9.95
N ARG B 295 20.27 11.73 9.71
CA ARG B 295 20.54 12.69 10.78
C ARG B 295 19.30 13.43 11.25
N VAL B 296 18.24 13.43 10.45
CA VAL B 296 17.12 14.35 10.62
C VAL B 296 15.85 13.53 10.84
N PRO B 297 15.22 13.61 12.02
CA PRO B 297 13.98 12.87 12.24
C PRO B 297 12.92 13.24 11.21
N ILE B 298 12.19 12.22 10.76
CA ILE B 298 11.12 12.38 9.76
C ILE B 298 9.80 11.94 10.37
N ILE B 299 8.78 12.76 10.21
CA ILE B 299 7.40 12.37 10.49
C ILE B 299 6.78 11.97 9.16
N GLY B 300 6.37 10.71 9.04
CA GLY B 300 5.87 10.19 7.78
C GLY B 300 4.37 10.30 7.72
N VAL B 301 3.87 10.84 6.61
N VAL B 301 3.85 10.81 6.61
CA VAL B 301 2.46 11.18 6.46
CA VAL B 301 2.43 11.09 6.52
C VAL B 301 2.05 10.91 5.03
C VAL B 301 2.00 11.00 5.06
N GLY B 302 0.84 10.38 4.85
CA GLY B 302 0.28 10.18 3.52
C GLY B 302 -0.28 8.79 3.34
N GLY B 303 -1.60 8.68 3.45
CA GLY B 303 -2.26 7.40 3.20
C GLY B 303 -2.07 6.36 4.28
N VAL B 304 -1.74 6.75 5.50
CA VAL B 304 -1.69 5.78 6.59
C VAL B 304 -3.11 5.44 7.03
N SER B 305 -3.50 4.17 6.83
N SER B 305 -3.50 4.16 6.87
CA SER B 305 -4.78 3.66 7.31
CA SER B 305 -4.77 3.72 7.41
C SER B 305 -4.65 2.44 8.20
C SER B 305 -4.68 2.36 8.09
N SER B 306 -3.48 1.82 8.28
CA SER B 306 -3.31 0.56 8.98
C SER B 306 -1.93 0.54 9.62
N GLY B 307 -1.74 -0.42 10.53
CA GLY B 307 -0.42 -0.64 11.09
C GLY B 307 0.62 -0.95 10.01
N GLN B 308 0.22 -1.69 8.98
CA GLN B 308 1.17 -2.00 7.91
C GLN B 308 1.63 -0.73 7.21
N ASP B 309 0.71 0.19 6.91
CA ASP B 309 1.12 1.46 6.31
C ASP B 309 2.11 2.20 7.20
N ALA B 310 1.86 2.21 8.50
CA ALA B 310 2.76 2.90 9.43
C ALA B 310 4.13 2.22 9.44
N LEU B 311 4.15 0.89 9.47
CA LEU B 311 5.42 0.16 9.48
C LEU B 311 6.23 0.44 8.23
N GLU B 312 5.57 0.49 7.07
CA GLU B 312 6.31 0.76 5.83
C GLU B 312 6.98 2.13 5.89
N LYS B 313 6.30 3.12 6.46
CA LYS B 313 6.91 4.45 6.56
C LYS B 313 8.05 4.47 7.58
N ILE B 314 7.90 3.76 8.70
CA ILE B 314 8.97 3.69 9.69
C ILE B 314 10.19 3.00 9.09
N ARG B 315 9.98 1.86 8.40
CA ARG B 315 11.12 1.19 7.76
C ARG B 315 11.78 2.08 6.71
N ALA B 316 11.00 2.93 6.03
CA ALA B 316 11.56 3.85 5.04
C ALA B 316 12.37 4.96 5.68
N GLY B 317 12.21 5.20 6.98
CA GLY B 317 13.02 6.19 7.67
C GLY B 317 12.25 7.11 8.59
N ALA B 318 10.93 6.93 8.75
CA ALA B 318 10.17 7.80 9.63
C ALA B 318 10.31 7.38 11.09
N SER B 319 10.45 8.36 11.98
CA SER B 319 10.44 8.14 13.42
C SER B 319 9.05 8.21 14.03
N LEU B 320 8.15 8.94 13.39
CA LEU B 320 6.76 9.09 13.81
C LEU B 320 5.92 9.08 12.54
N VAL B 321 4.60 8.86 12.69
CA VAL B 321 3.72 8.98 11.54
C VAL B 321 2.52 9.83 11.92
N GLN B 322 1.84 10.36 10.91
CA GLN B 322 0.56 11.01 11.09
C GLN B 322 -0.48 10.44 10.13
N LEU B 323 -1.73 10.64 10.47
CA LEU B 323 -2.83 10.29 9.57
C LEU B 323 -3.89 11.38 9.67
N TYR B 324 -4.68 11.49 8.59
CA TYR B 324 -5.82 12.38 8.58
C TYR B 324 -6.94 11.71 7.79
N THR B 325 -6.73 11.50 6.48
CA THR B 325 -7.83 11.06 5.64
C THR B 325 -8.42 9.74 6.12
N ALA B 326 -7.62 8.84 6.69
CA ALA B 326 -8.19 7.57 7.14
C ALA B 326 -9.27 7.77 8.19
N LEU B 327 -9.17 8.83 9.00
CA LEU B 327 -10.18 9.09 10.01
C LEU B 327 -11.54 9.37 9.38
N THR B 328 -11.55 9.96 8.17
CA THR B 328 -12.81 10.30 7.52
C THR B 328 -13.54 9.09 6.95
N PHE B 329 -12.84 7.97 6.72
CA PHE B 329 -13.43 6.76 6.19
C PHE B 329 -13.67 5.71 7.27
N TRP B 330 -12.79 5.62 8.25
CA TRP B 330 -12.87 4.56 9.24
C TRP B 330 -13.29 5.06 10.62
N GLY B 331 -13.31 6.37 10.85
CA GLY B 331 -13.65 6.94 12.14
C GLY B 331 -12.61 6.72 13.24
N PRO B 332 -12.94 7.13 14.46
CA PRO B 332 -11.97 7.12 15.56
C PRO B 332 -11.35 5.76 15.80
N PRO B 333 -12.06 4.62 15.53
CA PRO B 333 -11.43 3.30 15.72
C PRO B 333 -10.11 3.12 14.98
N VAL B 334 -9.90 3.92 13.93
CA VAL B 334 -8.69 3.74 13.13
C VAL B 334 -7.44 4.04 13.95
N VAL B 335 -7.54 4.87 14.97
CA VAL B 335 -6.35 5.21 15.76
C VAL B 335 -5.86 3.99 16.53
N GLY B 336 -6.74 3.37 17.33
CA GLY B 336 -6.36 2.15 18.03
C GLY B 336 -5.98 1.04 17.07
N LYS B 337 -6.62 1.02 15.91
CA LYS B 337 -6.32 0.00 14.91
C LYS B 337 -4.87 0.10 14.43
N VAL B 338 -4.45 1.31 14.04
CA VAL B 338 -3.07 1.50 13.57
C VAL B 338 -2.08 1.14 14.68
N LYS B 339 -2.33 1.60 15.91
CA LYS B 339 -1.39 1.35 17.00
C LYS B 339 -1.30 -0.13 17.32
N ARG B 340 -2.43 -0.82 17.41
CA ARG B 340 -2.37 -2.23 17.81
C ARG B 340 -1.79 -3.09 16.71
N GLU B 341 -2.11 -2.76 15.45
CA GLU B 341 -1.53 -3.49 14.33
C GLU B 341 -0.03 -3.24 14.22
N LEU B 342 0.40 -1.99 14.40
CA LEU B 342 1.82 -1.70 14.36
C LEU B 342 2.56 -2.46 15.46
N GLU B 343 2.02 -2.49 16.67
CA GLU B 343 2.69 -3.20 17.75
C GLU B 343 2.87 -4.67 17.40
N ALA B 344 1.81 -5.31 16.89
CA ALA B 344 1.87 -6.72 16.57
C ALA B 344 2.84 -7.01 15.43
N LEU B 345 2.84 -6.14 14.41
CA LEU B 345 3.75 -6.32 13.28
C LEU B 345 5.20 -6.16 13.70
N LEU B 346 5.48 -5.18 14.55
CA LEU B 346 6.84 -5.01 15.04
C LEU B 346 7.31 -6.28 15.74
N LYS B 347 6.48 -6.83 16.62
CA LYS B 347 6.87 -8.04 17.35
C LYS B 347 7.11 -9.19 16.39
N GLU B 348 6.18 -9.37 15.44
CA GLU B 348 6.29 -10.48 14.51
C GLU B 348 7.58 -10.44 13.70
N GLN B 349 8.02 -9.24 13.32
CA GLN B 349 9.15 -9.09 12.41
C GLN B 349 10.47 -8.85 13.14
N GLY B 350 10.49 -9.06 14.45
CA GLY B 350 11.74 -9.15 15.18
C GLY B 350 12.27 -7.85 15.76
N PHE B 351 11.43 -6.83 15.86
CA PHE B 351 11.87 -5.54 16.40
C PHE B 351 11.47 -5.43 17.86
N GLY B 352 12.35 -4.82 18.66
CA GLY B 352 12.04 -4.58 20.06
C GLY B 352 11.14 -3.40 20.28
N GLY B 353 11.02 -2.53 19.29
CA GLY B 353 10.20 -1.34 19.44
C GLY B 353 10.25 -0.53 18.16
N VAL B 354 9.51 0.57 18.17
CA VAL B 354 9.48 1.46 17.01
C VAL B 354 10.89 1.87 16.63
N THR B 355 11.68 2.31 17.61
CA THR B 355 12.98 2.88 17.27
C THR B 355 13.89 1.86 16.58
N ASP B 356 13.75 0.57 16.92
CA ASP B 356 14.56 -0.47 16.30
C ASP B 356 14.30 -0.58 14.80
N ALA B 357 13.10 -0.23 14.35
CA ALA B 357 12.69 -0.40 12.97
C ALA B 357 12.96 0.81 12.09
N ILE B 358 13.25 1.98 12.68
CA ILE B 358 13.43 3.20 11.88
C ILE B 358 14.55 2.98 10.89
N GLY B 359 14.24 3.16 9.61
CA GLY B 359 15.24 3.03 8.56
C GLY B 359 15.66 1.61 8.23
N ALA B 360 14.93 0.59 8.69
CA ALA B 360 15.32 -0.78 8.41
C ALA B 360 15.40 -1.06 6.91
N ASP B 361 14.57 -0.39 6.10
CA ASP B 361 14.63 -0.64 4.66
C ASP B 361 15.97 -0.23 4.07
N HIS B 362 16.62 0.78 4.65
CA HIS B 362 17.92 1.20 4.13
C HIS B 362 19.02 0.21 4.52
N ARG B 363 18.87 -0.43 5.67
CA ARG B 363 19.82 -1.47 6.05
C ARG B 363 19.68 -2.67 5.11
N ARG B 364 18.46 -3.00 4.70
CA ARG B 364 18.26 -4.04 3.71
C ARG B 364 18.98 -3.71 2.40
N LEU B 365 18.84 -2.46 1.93
CA LEU B 365 19.46 -2.07 0.68
C LEU B 365 20.98 -2.06 0.80
N GLU B 366 21.50 -1.61 1.94
CA GLU B 366 22.94 -1.62 2.14
C GLU B 366 23.48 -3.04 2.20
N ALA B 367 22.69 -4.00 2.68
CA ALA B 367 23.15 -5.38 2.76
C ALA B 367 23.26 -5.96 1.36
N1 FMN C . 2.42 -14.79 -15.07
C2 FMN C . 1.91 -15.73 -15.91
O2 FMN C . 0.68 -15.84 -16.07
N3 FMN C . 2.76 -16.59 -16.57
C4 FMN C . 4.13 -16.51 -16.39
O4 FMN C . 4.85 -17.31 -16.97
C4A FMN C . 4.66 -15.55 -15.53
N5 FMN C . 6.03 -15.42 -15.35
C5A FMN C . 6.50 -14.46 -14.45
C6 FMN C . 7.87 -14.33 -14.23
C7 FMN C . 8.35 -13.36 -13.34
C7M FMN C . 9.84 -13.24 -13.11
C8 FMN C . 7.45 -12.52 -12.69
C8M FMN C . 7.92 -11.47 -11.73
C9 FMN C . 6.07 -12.65 -12.91
C9A FMN C . 5.60 -13.60 -13.80
N10 FMN C . 4.24 -13.73 -14.01
C10 FMN C . 3.78 -14.69 -14.88
C1' FMN C . 3.25 -12.80 -13.33
C2' FMN C . 2.86 -13.24 -11.92
O2' FMN C . 2.08 -14.41 -12.04
C3' FMN C . 2.01 -12.17 -11.23
O3' FMN C . 0.81 -11.99 -11.97
C4' FMN C . 2.70 -10.81 -11.09
O4' FMN C . 4.10 -10.98 -10.92
C5' FMN C . 2.10 -9.97 -9.96
O5' FMN C . 2.36 -10.60 -8.72
P FMN C . 3.52 -10.13 -7.72
O1P FMN C . 3.18 -10.77 -6.40
O2P FMN C . 3.55 -8.62 -7.66
O3P FMN C . 4.81 -10.73 -8.28
N1 ORO D . 6.03 -12.53 -17.81
C2 ORO D . 5.03 -11.98 -17.12
O2 ORO D . 5.21 -11.06 -16.38
N3 ORO D . 3.78 -12.48 -17.27
C4 ORO D . 3.53 -13.49 -18.08
O4 ORO D . 2.41 -13.89 -18.19
C5 ORO D . 4.54 -14.07 -18.78
C6 ORO D . 5.80 -13.55 -18.62
C7 ORO D . 6.97 -14.07 -19.41
O71 ORO D . 7.66 -13.19 -19.98
O72 ORO D . 7.22 -15.30 -19.51
C09 F54 E . 14.81 -18.26 -2.33
C10 F54 E . 13.59 -17.79 -2.80
C11 F54 E . 13.58 -16.91 -3.87
C12 F54 E . 15.98 -17.87 -2.93
C13 F54 E . 15.97 -16.99 -3.99
C14 F54 E . 14.77 -16.52 -4.47
C15 F54 E . 14.69 -15.56 -5.64
C17 F54 E . 13.66 -15.05 -7.66
C18 F54 E . 12.70 -15.41 -8.63
C19 F54 E . 12.51 -14.61 -9.75
C20 F54 E . 13.27 -13.45 -9.88
C22 F54 E . 14.20 -13.09 -8.92
C23 F54 E . 14.40 -13.89 -7.79
C24 F54 E . 15.34 -13.54 -6.80
C25 F54 E . 16.21 -12.29 -6.91
C28 F54 E . 15.47 -14.40 -5.71
C29 F54 E . 16.49 -14.03 -4.63
F21 F54 E . 13.07 -12.63 -10.95
N16 F54 E . 13.80 -15.85 -6.59
O26 F54 E . 15.79 -11.13 -6.64
O27 F54 E . 17.41 -12.43 -7.26
C01 F54 E . 15.50 -21.60 2.32
C01 F54 E . 14.71 -22.32 1.84
C02 F54 E . 15.32 -20.72 1.09
C02 F54 E . 14.73 -21.26 0.74
C03 F54 E . 15.98 -19.50 1.03
C03 F54 E . 14.05 -21.45 -0.44
C04 F54 E . 15.82 -18.69 -0.08
C04 F54 E . 14.08 -20.47 -1.42
C06 F54 E . 14.37 -20.36 -0.97
C06 F54 E . 15.46 -19.20 0.01
C08 F54 E . 15.00 -19.16 -1.11
C08 F54 E . 14.79 -19.29 -1.19
N05 F54 E . 14.54 -21.12 0.10
N05 F54 E . 15.40 -20.14 0.93
CL07 F54 E . 13.32 -20.86 -2.32
CL07 F54 E . 16.39 -17.74 0.36
C5 ZWI F . 18.16 -21.45 8.16
C6 ZWI F . 18.64 -20.68 6.87
C7 ZWI F . 18.99 -21.70 5.74
C8 ZWI F . 18.56 -21.12 4.37
C10 ZWI F . 19.54 -21.54 3.27
C9 ZWI F . 18.76 -21.76 1.95
C11 ZWI F . 19.42 -20.99 0.78
C12 ZWI F . 18.78 -21.48 -0.54
C13 ZWI F . 19.13 -20.52 -1.69
N1 FMN G . -1.55 20.15 5.94
C2 FMN G . -1.00 21.29 6.48
O2 FMN G . 0.22 21.34 6.70
N3 FMN G . -1.81 22.36 6.81
C4 FMN G . -3.17 22.29 6.60
O4 FMN G . -3.87 23.25 6.94
C4A FMN G . -3.74 21.14 6.02
N5 FMN G . -5.10 21.06 5.76
C5A FMN G . -5.60 19.87 5.23
C6 FMN G . -6.97 19.74 4.98
C7 FMN G . -7.47 18.57 4.42
C7M FMN G . -8.95 18.45 4.17
C8 FMN G . -6.62 17.52 4.13
C8M FMN G . -7.16 16.24 3.52
C9 FMN G . -5.25 17.64 4.37
C9A FMN G . -4.74 18.80 4.91
N10 FMN G . -3.39 18.92 5.15
C10 FMN G . -2.90 20.08 5.70
C1' FMN G . -2.45 17.79 4.79
C2' FMN G . -2.35 16.70 5.84
O2' FMN G . -1.74 17.24 6.99
C3' FMN G . -1.48 15.53 5.34
O3' FMN G . -0.17 16.00 5.06
C4' FMN G . -2.07 14.87 4.10
O4' FMN G . -3.48 14.94 4.15
C5' FMN G . -1.61 13.41 3.93
O5' FMN G . -2.12 12.65 5.01
P FMN G . -3.37 11.64 4.83
O1P FMN G . -3.34 10.72 6.03
O2P FMN G . -3.22 10.88 3.54
O3P FMN G . -4.61 12.53 4.88
N1 ORO H . -4.42 21.96 2.10
C2 ORO H . -3.48 20.99 2.09
O2 ORO H . -3.70 19.94 1.57
N3 ORO H . -2.29 21.25 2.68
C4 ORO H . -2.01 22.40 3.26
O4 ORO H . -0.94 22.57 3.75
C5 ORO H . -2.95 23.39 3.27
C6 ORO H . -4.15 23.11 2.68
C7 ORO H . -5.22 24.16 2.60
O71 ORO H . -5.56 24.89 3.57
O72 ORO H . -5.70 24.30 1.44
C09 F54 I . -16.09 11.70 12.66
C10 F54 I . -14.77 11.80 12.23
C11 F54 I . -14.52 12.36 10.98
C12 F54 I . -17.11 12.16 11.84
C13 F54 I . -16.86 12.72 10.60
C14 F54 I . -15.55 12.82 10.16
C15 F54 I . -15.20 13.42 8.81
C17 F54 I . -13.79 14.87 7.63
C18 F54 I . -12.73 15.81 7.71
C19 F54 I . -12.27 16.42 6.54
C20 F54 I . -12.88 16.10 5.33
C22 F54 I . -13.93 15.18 5.26
C23 F54 I . -14.39 14.57 6.44
C24 F54 I . -15.44 13.62 6.41
C25 F54 I . -16.14 13.28 5.11
C28 F54 I . -15.85 13.05 7.62
C29 F54 I . -16.99 12.02 7.61
F21 F54 I . -12.42 16.67 4.18
N16 F54 I . -14.21 14.30 8.78
O26 F54 I . -17.22 13.86 4.89
O27 F54 I . -15.66 12.46 4.28
C01 F54 I . -17.73 9.31 17.64
C01 F54 I . -17.10 9.75 18.02
C02 F54 I . -17.31 9.92 16.31
C02 F54 I . -16.83 10.25 16.61
C03 F54 I . -17.83 9.43 15.12
C03 F54 I . -15.94 11.29 16.41
C04 F54 I . -17.44 9.98 13.91
C04 F54 I . -15.70 11.75 15.13
C06 F54 I . -16.06 11.48 15.18
C06 F54 I . -17.24 10.13 14.36
C08 F54 I . -16.54 11.06 13.97
C08 F54 I . -16.36 11.14 14.06
N05 F54 I . -16.46 10.92 16.31
N05 F54 I . -17.45 9.72 15.59
CL07 F54 I . -14.90 12.81 15.19
CL07 F54 I . -18.12 9.36 13.03
C7 ZWI J . -21.02 8.08 18.71
C8 ZWI J . -21.50 8.62 17.34
C10 ZWI J . -21.07 10.10 17.21
C9 ZWI J . -21.37 10.64 15.79
C11 ZWI J . -20.80 12.08 15.73
C12 ZWI J . -20.71 12.57 14.28
C13 ZWI J . -19.88 13.87 14.25
C7 ZWI K . 16.34 18.63 20.12
C8 ZWI K . 15.07 19.18 19.40
C10 ZWI K . 14.55 20.41 20.17
C9 ZWI K . 15.62 21.53 20.11
C11 ZWI K . 14.96 22.91 20.28
C12 ZWI K . 15.86 23.75 21.20
C13 ZWI K . 16.86 24.57 20.36
H71 ZWI K . 16.28 17.66 20.17
H72 ZWI K . 17.13 18.88 19.62
H82 ZWI K . 15.30 19.43 18.50
H81 ZWI K . 14.38 18.50 19.39
H101 ZWI K . 13.73 20.72 19.76
H102 ZWI K . 14.37 20.18 21.10
H91 ZWI K . 16.06 21.49 19.25
H92 ZWI K . 16.26 21.38 20.82
H112 ZWI K . 14.09 22.81 20.68
H111 ZWI K . 14.88 23.34 19.42
H121 ZWI K . 16.35 23.16 21.80
H122 ZWI K . 15.31 24.34 21.73
H132 ZWI K . 17.65 24.04 20.18
H133 ZWI K . 17.11 25.38 20.85
H131 ZWI K . 16.44 24.82 19.52
#